data_9FO2
#
_entry.id   9FO2
#
loop_
_entity.id
_entity.type
_entity.pdbx_description
1 polymer 'Capsid protein VP1'
2 polymer 'Capsid protein VP2'
3 polymer 'Capsid protein VP3'
4 polymer 'Capsid protein VP4'
5 non-polymer ~{N}-[(4-fluorophenyl)methyl]-4-[(4-methylpiperazin-1-yl)methyl]aniline
6 non-polymer 'MYRISTIC ACID'
#
loop_
_entity_poly.entity_id
_entity_poly.type
_entity_poly.pdbx_seq_one_letter_code
_entity_poly.pdbx_strand_id
1 'polypeptide(L)'
;GDVEEAIERAVVHVADTMRSGPSNSASVPALTAVETGHTSQVTPSDTMQTRHVKNYHSRSESTVENFLGRSACVYMEEYK
TTDNDVNKKFVAWPINTKQMVQMRRKLEMFTYLRFDMEVTFVITSRQDPGTTLAQDMPVLTHQIMYVPPGGPIPAKVDDY
AWQTSTNPSIFWTEGNAPARMSIPFISIGNAYSNFYDGWSNFDQRGSYGYNTLNNLGHIYVRHVSGSSPHPITSTIRVYF
KPKHTRAWVPRPPRLCQYKKAFSVDFTPTPITDTRKDINTVTTVAQSRRRGDMSTLNTH
;
A
2 'polypeptide(L)'
;SDRVRSITLGNSTITTQECANVVVGYGRWPTYLRDDEATAEDQPTQPDVATCRFYTLDSIKWEKGSVGWWWKFPEALSDM
GLFGQNMQYHYLGRAGYTIHVQCNASKFHQGCLLVVCVPEAEMGGAVVGQAFSATAMANGDKAYEFTSATQSDQTKVQTA
IHNAGMGVGVGNLTIYPHQWINLRTNNSATIVMPYINSVPMDNMFRHYNFTLMVIPFVKLDYADTASTYVPITVTVAPMC
AEYNGLRLAQA
;
B
3 'polypeptide(L)'
;GLPTMNTPGSTQFLTSDDFQSPCALPQFDVTPSMNIPGEVKNLMEIAEVDSVVPVNNVQDTTDQMEMFRIPVTINAPLQQ
QVFGLRLQPGLDSVFKHTLLGEILNYYAHWSGSMKLTFVFCGSAMATGKFLIAYSPPGANPPKTRKDAMLGTHIIWDIGL
QSSCVLCVPWISQTHYRLVQQDEYTSAGYVTCWYQTGMIVPPGTPNSSSIMCFASACNDFSVRMLRDTPFISQDNKLQ
;
C
4 'polypeptide(L)' GAQVSTQKTGAHETSLSAAGNSIIHYTNINYYKDAASNSANRQDFTQDPSKFTEPVKDVMIKSLPALN D
#
loop_
_chem_comp.id
_chem_comp.type
_chem_comp.name
_chem_comp.formula
A1IEI non-polymer ~{N}-[(4-fluorophenyl)methyl]-4-[(4-methylpiperazin-1-yl)methyl]aniline 'C19 H24 F N3'
MYR non-polymer 'MYRISTIC ACID' 'C14 H28 O2'
#
# COMPACT_ATOMS: atom_id res chain seq x y z
N GLY A 1 29.06 0.53 -35.78
CA GLY A 1 28.34 0.15 -34.57
C GLY A 1 27.29 -0.92 -34.85
N ASP A 2 27.71 -2.12 -35.27
CA ASP A 2 26.78 -3.25 -35.53
C ASP A 2 26.42 -3.89 -34.19
N VAL A 3 27.23 -3.65 -33.16
CA VAL A 3 26.97 -4.16 -31.78
C VAL A 3 27.10 -2.99 -30.81
N GLU A 4 26.36 -2.99 -29.71
CA GLU A 4 26.43 -1.92 -28.67
C GLU A 4 26.30 -2.57 -27.30
N GLU A 5 27.43 -2.84 -26.64
CA GLU A 5 27.43 -3.46 -25.29
C GLU A 5 26.58 -2.62 -24.35
N ALA A 6 25.67 -3.24 -23.59
CA ALA A 6 24.75 -2.55 -22.66
C ALA A 6 25.02 -3.05 -21.23
N VAL A 11 24.46 -6.62 -11.18
CA VAL A 11 24.99 -7.33 -9.97
C VAL A 11 24.87 -6.45 -8.73
N VAL A 12 23.64 -6.16 -8.29
CA VAL A 12 23.41 -5.44 -7.00
C VAL A 12 23.15 -6.56 -5.99
N HIS A 13 23.72 -6.48 -4.80
CA HIS A 13 23.59 -7.56 -3.79
C HIS A 13 23.18 -6.96 -2.46
N VAL A 14 22.43 -7.70 -1.66
CA VAL A 14 21.97 -7.25 -0.32
C VAL A 14 23.20 -6.98 0.54
N ALA A 15 23.07 -6.22 1.61
CA ALA A 15 24.20 -5.82 2.48
C ALA A 15 24.95 -7.02 3.07
N ASP A 16 26.22 -6.83 3.43
CA ASP A 16 27.06 -7.90 4.03
C ASP A 16 27.23 -7.64 5.52
N THR A 17 27.23 -8.68 6.35
CA THR A 17 27.48 -8.54 7.81
C THR A 17 28.96 -8.22 7.99
N MET A 18 29.30 -7.39 8.98
CA MET A 18 30.71 -7.05 9.28
C MET A 18 31.03 -7.54 10.68
N ARG A 19 32.25 -7.99 10.93
CA ARG A 19 32.64 -8.56 12.23
C ARG A 19 32.46 -7.53 13.34
N SER A 20 31.88 -7.91 14.47
CA SER A 20 31.67 -7.06 15.63
C SER A 20 32.16 -7.77 16.89
N GLY A 21 32.82 -7.02 17.76
CA GLY A 21 33.33 -7.56 19.00
C GLY A 21 32.63 -6.97 20.21
N PRO A 22 33.12 -7.30 21.41
CA PRO A 22 32.51 -6.76 22.62
C PRO A 22 32.62 -5.24 22.65
N SER A 23 31.61 -4.60 23.23
CA SER A 23 31.54 -3.15 23.30
C SER A 23 31.02 -2.73 24.66
N ASN A 24 31.51 -1.57 25.12
CA ASN A 24 31.04 -0.98 26.37
C ASN A 24 31.27 0.53 26.26
N SER A 25 30.21 1.27 25.96
CA SER A 25 30.32 2.71 25.73
C SER A 25 28.96 3.34 25.97
N ALA A 26 28.91 4.67 25.81
CA ALA A 26 27.66 5.41 26.03
C ALA A 26 26.71 5.33 24.85
N SER A 27 27.19 4.91 23.68
CA SER A 27 26.31 4.80 22.52
C SER A 27 25.28 3.71 22.74
N VAL A 28 24.04 4.00 22.36
CA VAL A 28 22.92 3.08 22.55
C VAL A 28 22.14 2.94 21.25
N PRO A 29 22.67 2.22 20.26
CA PRO A 29 21.91 2.05 19.01
C PRO A 29 20.57 1.37 19.22
N ALA A 30 20.45 0.48 20.20
CA ALA A 30 19.21 -0.25 20.39
C ALA A 30 18.07 0.66 20.82
N LEU A 31 18.36 1.75 21.52
CA LEU A 31 17.34 2.65 22.02
C LEU A 31 17.02 3.71 20.97
N THR A 32 15.74 3.92 20.71
CA THR A 32 15.29 4.91 19.73
C THR A 32 13.93 5.43 20.19
N ALA A 33 13.24 6.13 19.27
CA ALA A 33 11.93 6.68 19.57
C ALA A 33 11.08 6.61 18.30
N VAL A 34 10.07 5.74 18.30
CA VAL A 34 9.19 5.61 17.14
C VAL A 34 8.27 6.81 16.96
N GLU A 35 8.19 7.69 17.96
CA GLU A 35 7.30 8.85 17.85
C GLU A 35 7.67 9.74 16.68
N THR A 36 8.93 9.72 16.24
CA THR A 36 9.37 10.55 15.13
C THR A 36 8.84 10.05 13.79
N GLY A 37 8.23 8.87 13.74
CA GLY A 37 7.84 8.29 12.47
C GLY A 37 8.99 7.71 11.68
N HIS A 38 10.14 7.54 12.31
CA HIS A 38 11.34 7.05 11.65
C HIS A 38 11.59 5.60 12.03
N THR A 39 11.79 4.76 11.03
CA THR A 39 12.07 3.35 11.25
C THR A 39 13.54 3.16 11.56
N SER A 40 13.83 2.45 12.65
CA SER A 40 15.21 2.27 13.08
C SER A 40 16.03 1.56 12.01
N GLN A 41 17.28 1.99 11.85
CA GLN A 41 18.19 1.40 10.89
C GLN A 41 19.21 0.47 11.54
N VAL A 42 18.90 -0.04 12.74
CA VAL A 42 19.84 -0.91 13.44
C VAL A 42 20.00 -2.22 12.68
N THR A 43 21.16 -2.84 12.88
CA THR A 43 21.53 -4.10 12.26
C THR A 43 21.99 -5.07 13.34
N PRO A 44 21.96 -6.38 13.07
CA PRO A 44 22.36 -7.33 14.11
C PRO A 44 23.76 -7.11 14.63
N SER A 45 24.65 -6.55 13.81
CA SER A 45 26.01 -6.27 14.25
C SER A 45 26.05 -5.25 15.39
N ASP A 46 24.99 -4.48 15.59
CA ASP A 46 24.98 -3.43 16.59
C ASP A 46 24.50 -3.88 17.96
N THR A 47 24.03 -5.13 18.09
CA THR A 47 23.53 -5.61 19.37
C THR A 47 24.11 -6.96 19.77
N MET A 48 25.01 -7.54 18.98
CA MET A 48 25.63 -8.81 19.35
C MET A 48 26.89 -8.99 18.52
N GLN A 49 27.76 -9.86 18.99
CA GLN A 49 28.97 -10.19 18.25
C GLN A 49 28.60 -11.01 17.01
N THR A 50 29.19 -10.65 15.87
CA THR A 50 28.89 -11.29 14.61
C THR A 50 30.17 -11.56 13.84
N ARG A 51 30.11 -12.56 12.97
CA ARG A 51 31.21 -12.89 12.08
C ARG A 51 31.06 -12.13 10.76
N HIS A 52 32.12 -12.16 9.96
CA HIS A 52 32.08 -11.55 8.65
C HIS A 52 31.45 -12.50 7.65
N VAL A 53 30.39 -12.04 6.97
CA VAL A 53 29.64 -12.86 6.03
C VAL A 53 29.52 -12.08 4.73
N LYS A 54 29.81 -12.74 3.61
CA LYS A 54 29.59 -12.18 2.29
C LYS A 54 28.30 -12.77 1.73
N ASN A 55 27.30 -11.93 1.55
CA ASN A 55 25.98 -12.36 1.09
C ASN A 55 25.83 -12.03 -0.38
N TYR A 56 25.47 -13.04 -1.18
CA TYR A 56 25.29 -12.88 -2.61
C TYR A 56 23.83 -12.83 -3.03
N HIS A 57 22.91 -12.81 -2.08
CA HIS A 57 21.49 -12.72 -2.42
C HIS A 57 21.20 -11.38 -3.09
N SER A 58 20.25 -11.40 -4.02
CA SER A 58 19.85 -10.21 -4.75
C SER A 58 18.33 -10.08 -4.71
N ARG A 59 17.87 -8.83 -4.80
CA ARG A 59 16.45 -8.50 -4.77
C ARG A 59 15.88 -8.33 -6.18
N SER A 60 16.41 -9.09 -7.14
CA SER A 60 15.97 -8.92 -8.52
C SER A 60 14.50 -9.26 -8.70
N GLU A 61 14.05 -10.34 -8.05
CA GLU A 61 12.68 -10.80 -8.23
C GLU A 61 11.64 -9.94 -7.51
N SER A 62 12.08 -9.01 -6.66
CA SER A 62 11.16 -8.17 -5.90
C SER A 62 10.86 -6.84 -6.58
N THR A 63 11.46 -6.56 -7.73
CA THR A 63 11.19 -5.32 -8.42
C THR A 63 9.74 -5.27 -8.90
N VAL A 64 9.21 -4.05 -8.98
CA VAL A 64 7.82 -3.88 -9.41
C VAL A 64 7.63 -4.43 -10.82
N GLU A 65 8.62 -4.24 -11.69
CA GLU A 65 8.52 -4.72 -13.06
C GLU A 65 8.25 -6.22 -13.10
N ASN A 66 9.01 -6.99 -12.33
CA ASN A 66 8.81 -8.43 -12.28
C ASN A 66 7.54 -8.80 -11.50
N PHE A 67 7.23 -8.04 -10.45
CA PHE A 67 6.05 -8.36 -9.65
C PHE A 67 4.78 -8.23 -10.47
N LEU A 68 4.67 -7.19 -11.29
CA LEU A 68 3.50 -6.97 -12.13
C LEU A 68 3.68 -7.50 -13.54
N GLY A 69 4.83 -8.08 -13.86
CA GLY A 69 5.09 -8.56 -15.20
C GLY A 69 4.63 -9.98 -15.45
N ARG A 70 3.40 -10.30 -15.07
CA ARG A 70 2.81 -11.61 -15.29
C ARG A 70 1.42 -11.46 -15.87
N SER A 71 1.11 -12.27 -16.87
CA SER A 71 -0.20 -12.23 -17.50
C SER A 71 -1.25 -12.85 -16.56
N ALA A 72 -2.37 -12.15 -16.41
CA ALA A 72 -3.45 -12.60 -15.53
C ALA A 72 -4.78 -12.41 -16.24
N CYS A 73 -5.69 -13.37 -16.04
CA CYS A 73 -7.02 -13.27 -16.63
C CYS A 73 -7.79 -12.11 -16.01
N VAL A 74 -8.53 -11.40 -16.85
CA VAL A 74 -9.30 -10.24 -16.40
C VAL A 74 -10.77 -10.33 -16.77
N TYR A 75 -11.15 -11.14 -17.73
CA TYR A 75 -12.57 -11.27 -18.15
C TYR A 75 -12.79 -12.54 -18.92
N MET A 76 -13.92 -13.21 -18.69
CA MET A 76 -14.33 -14.40 -19.45
C MET A 76 -15.69 -14.02 -20.01
N GLU A 77 -16.24 -14.78 -20.95
CA GLU A 77 -17.58 -14.53 -21.54
C GLU A 77 -17.88 -15.58 -22.58
N GLU A 78 -19.13 -15.96 -22.76
CA GLU A 78 -19.56 -16.97 -23.71
C GLU A 78 -20.53 -16.38 -24.72
N TYR A 79 -20.39 -16.81 -25.98
CA TYR A 79 -21.30 -16.40 -27.04
C TYR A 79 -21.50 -17.57 -27.98
N LYS A 80 -22.73 -17.69 -28.49
CA LYS A 80 -23.11 -18.81 -29.34
C LYS A 80 -23.07 -18.39 -30.81
N THR A 81 -22.78 -19.37 -31.67
CA THR A 81 -22.73 -19.10 -33.10
C THR A 81 -24.13 -18.82 -33.66
N THR A 82 -25.14 -19.52 -33.15
CA THR A 82 -26.51 -19.35 -33.61
C THR A 82 -27.46 -19.51 -32.44
N ASP A 83 -28.43 -18.62 -32.33
CA ASP A 83 -29.42 -18.66 -31.27
C ASP A 83 -30.54 -17.67 -31.62
N ASN A 84 -31.67 -17.83 -30.93
CA ASN A 84 -32.80 -16.96 -31.19
C ASN A 84 -32.58 -15.55 -30.63
N ASP A 85 -31.89 -15.45 -29.49
CA ASP A 85 -31.63 -14.15 -28.88
C ASP A 85 -30.46 -13.49 -29.57
N VAL A 86 -30.69 -12.30 -30.13
CA VAL A 86 -29.64 -11.59 -30.86
C VAL A 86 -28.51 -11.20 -29.91
N ASN A 87 -28.84 -10.74 -28.71
CA ASN A 87 -27.83 -10.27 -27.76
C ASN A 87 -26.91 -11.38 -27.28
N LYS A 88 -27.30 -12.66 -27.48
CA LYS A 88 -26.55 -13.83 -26.97
C LYS A 88 -25.47 -14.28 -27.96
N LYS A 89 -25.41 -13.72 -29.16
CA LYS A 89 -24.49 -14.18 -30.19
C LYS A 89 -23.22 -13.35 -30.28
N PHE A 90 -23.02 -12.41 -29.36
CA PHE A 90 -21.81 -11.61 -29.35
C PHE A 90 -21.61 -11.03 -27.96
N VAL A 91 -20.41 -10.54 -27.72
CA VAL A 91 -20.03 -10.02 -26.40
C VAL A 91 -19.74 -8.53 -26.53
N ALA A 92 -19.98 -7.82 -25.43
CA ALA A 92 -19.70 -6.39 -25.35
C ALA A 92 -19.25 -6.10 -23.92
N TRP A 93 -17.94 -5.90 -23.73
CA TRP A 93 -17.36 -5.76 -22.41
C TRP A 93 -16.75 -4.37 -22.24
N PRO A 94 -17.23 -3.56 -21.29
CA PRO A 94 -16.51 -2.32 -20.96
C PRO A 94 -15.21 -2.64 -20.25
N ILE A 95 -14.11 -2.06 -20.75
CA ILE A 95 -12.80 -2.42 -20.25
C ILE A 95 -12.63 -1.92 -18.81
N ASN A 96 -12.15 -2.81 -17.95
CA ASN A 96 -11.86 -2.47 -16.56
C ASN A 96 -11.08 -3.61 -15.93
N THR A 97 -10.26 -3.27 -14.94
CA THR A 97 -9.39 -4.24 -14.29
C THR A 97 -9.90 -4.65 -12.91
N LYS A 98 -11.13 -4.30 -12.56
CA LYS A 98 -11.70 -4.60 -11.26
C LYS A 98 -12.55 -5.87 -11.25
N GLN A 99 -12.63 -6.58 -12.37
CA GLN A 99 -13.51 -7.75 -12.46
C GLN A 99 -12.91 -8.95 -11.75
N MET A 100 -11.62 -9.24 -11.93
CA MET A 100 -11.00 -10.45 -11.34
C MET A 100 -10.30 -10.01 -10.06
N VAL A 101 -10.41 -10.76 -8.97
CA VAL A 101 -10.00 -10.36 -7.62
C VAL A 101 -8.48 -10.37 -7.50
N GLN A 102 -7.81 -11.40 -8.02
CA GLN A 102 -6.37 -11.50 -7.84
C GLN A 102 -5.65 -10.32 -8.47
N MET A 103 -5.93 -10.06 -9.75
CA MET A 103 -5.28 -8.93 -10.42
C MET A 103 -5.72 -7.61 -9.82
N ARG A 104 -6.99 -7.51 -9.40
CA ARG A 104 -7.45 -6.28 -8.75
C ARG A 104 -6.63 -5.98 -7.51
N ARG A 105 -6.45 -6.98 -6.65
CA ARG A 105 -5.65 -6.77 -5.44
C ARG A 105 -4.20 -6.47 -5.77
N LYS A 106 -3.64 -7.18 -6.75
CA LYS A 106 -2.25 -6.92 -7.12
C LYS A 106 -2.07 -5.48 -7.58
N LEU A 107 -2.99 -4.96 -8.38
CA LEU A 107 -2.88 -3.60 -8.87
C LEU A 107 -3.14 -2.58 -7.77
N GLU A 108 -4.09 -2.87 -6.88
CA GLU A 108 -4.50 -1.90 -5.87
C GLU A 108 -3.47 -1.70 -4.77
N MET A 109 -2.29 -2.31 -4.81
CA MET A 109 -1.26 -2.03 -3.83
C MET A 109 -0.57 -0.69 -4.07
N PHE A 110 -0.84 -0.04 -5.19
CA PHE A 110 -0.26 1.26 -5.52
C PHE A 110 -1.38 2.22 -5.92
N THR A 111 -1.16 3.50 -5.67
CA THR A 111 -2.17 4.52 -5.96
C THR A 111 -2.15 4.94 -7.42
N TYR A 112 -0.97 5.12 -8.01
CA TYR A 112 -0.83 5.56 -9.39
C TYR A 112 0.10 4.63 -10.13
N LEU A 113 -0.25 4.31 -11.37
CA LEU A 113 0.54 3.41 -12.21
C LEU A 113 0.66 3.99 -13.60
N ARG A 114 1.76 3.64 -14.27
CA ARG A 114 2.01 4.07 -15.64
C ARG A 114 2.79 2.96 -16.35
N PHE A 115 2.17 2.33 -17.34
CA PHE A 115 2.78 1.18 -17.98
C PHE A 115 2.17 0.98 -19.36
N ASP A 116 2.91 0.27 -20.20
CA ASP A 116 2.35 -0.26 -21.44
C ASP A 116 1.62 -1.58 -21.14
N MET A 117 0.78 -1.99 -22.08
CA MET A 117 -0.04 -3.18 -21.90
C MET A 117 0.18 -4.16 -23.03
N GLU A 118 0.16 -5.45 -22.69
CA GLU A 118 0.24 -6.54 -23.65
C GLU A 118 -0.99 -7.42 -23.43
N VAL A 119 -1.82 -7.56 -24.46
CA VAL A 119 -3.09 -8.25 -24.38
C VAL A 119 -3.01 -9.54 -25.19
N THR A 120 -3.42 -10.65 -24.57
CA THR A 120 -3.47 -11.95 -25.23
C THR A 120 -4.87 -12.52 -25.08
N PHE A 121 -5.38 -13.11 -26.16
CA PHE A 121 -6.73 -13.65 -26.22
C PHE A 121 -6.67 -15.16 -26.41
N VAL A 122 -7.38 -15.88 -25.55
CA VAL A 122 -7.50 -17.33 -25.64
C VAL A 122 -8.96 -17.66 -25.94
N ILE A 123 -9.20 -18.37 -27.03
CA ILE A 123 -10.54 -18.68 -27.49
C ILE A 123 -10.67 -20.19 -27.65
N THR A 124 -11.75 -20.74 -27.11
CA THR A 124 -12.05 -22.17 -27.24
C THR A 124 -13.52 -22.33 -27.62
N SER A 125 -13.82 -23.44 -28.28
CA SER A 125 -15.17 -23.72 -28.75
C SER A 125 -15.56 -25.13 -28.35
N ARG A 126 -16.87 -25.32 -28.14
CA ARG A 126 -17.41 -26.63 -27.82
C ARG A 126 -18.80 -26.74 -28.41
N GLN A 127 -19.17 -27.97 -28.79
CA GLN A 127 -20.46 -28.19 -29.43
C GLN A 127 -21.52 -28.51 -28.38
N ASP A 128 -22.64 -27.79 -28.46
CA ASP A 128 -23.67 -27.88 -27.44
C ASP A 128 -24.35 -29.25 -27.47
N PRO A 129 -24.80 -29.75 -26.32
CA PRO A 129 -25.52 -31.03 -26.29
C PRO A 129 -26.88 -30.92 -26.97
N GLY A 130 -27.37 -32.06 -27.44
CA GLY A 130 -28.64 -32.09 -28.12
C GLY A 130 -29.02 -33.50 -28.49
N THR A 131 -30.20 -33.63 -29.11
CA THR A 131 -30.68 -34.93 -29.55
C THR A 131 -30.05 -35.40 -30.85
N THR A 132 -29.50 -34.47 -31.64
CA THR A 132 -28.86 -34.82 -32.90
C THR A 132 -27.58 -34.00 -33.00
N LEU A 133 -26.43 -34.68 -32.97
CA LEU A 133 -25.13 -34.01 -32.94
C LEU A 133 -24.31 -34.19 -34.21
N ALA A 134 -24.76 -35.01 -35.15
CA ALA A 134 -23.95 -35.33 -36.33
C ALA A 134 -23.97 -34.16 -37.30
N GLN A 135 -22.80 -33.56 -37.53
CA GLN A 135 -22.66 -32.49 -38.50
C GLN A 135 -21.19 -32.33 -38.86
N ASP A 136 -20.94 -31.62 -39.96
CA ASP A 136 -19.59 -31.32 -40.43
C ASP A 136 -19.47 -29.82 -40.61
N MET A 137 -18.52 -29.19 -39.92
CA MET A 137 -18.33 -27.72 -39.98
C MET A 137 -16.84 -27.43 -40.15
N PRO A 138 -16.42 -26.64 -41.16
CA PRO A 138 -15.01 -26.25 -41.27
C PRO A 138 -14.52 -25.47 -40.07
N VAL A 139 -13.25 -25.09 -40.06
CA VAL A 139 -12.69 -24.34 -38.94
C VAL A 139 -13.40 -23.00 -38.82
N LEU A 140 -13.68 -22.59 -37.59
CA LEU A 140 -14.34 -21.32 -37.32
C LEU A 140 -13.33 -20.19 -37.30
N THR A 141 -13.84 -18.96 -37.46
CA THR A 141 -13.03 -17.76 -37.41
C THR A 141 -13.72 -16.75 -36.51
N HIS A 142 -12.91 -15.94 -35.81
CA HIS A 142 -13.42 -14.98 -34.85
C HIS A 142 -12.84 -13.60 -35.14
N GLN A 143 -13.60 -12.57 -34.80
CA GLN A 143 -13.19 -11.18 -34.97
C GLN A 143 -13.25 -10.49 -33.62
N ILE A 144 -12.18 -9.78 -33.27
CA ILE A 144 -12.12 -8.99 -32.05
C ILE A 144 -12.06 -7.53 -32.44
N MET A 145 -13.00 -6.74 -31.94
CA MET A 145 -13.13 -5.34 -32.30
C MET A 145 -13.04 -4.46 -31.06
N TYR A 146 -12.30 -3.35 -31.20
CA TYR A 146 -12.11 -2.39 -30.12
C TYR A 146 -12.69 -1.06 -30.54
N VAL A 147 -13.58 -0.51 -29.72
CA VAL A 147 -14.26 0.76 -30.01
C VAL A 147 -13.87 1.79 -28.97
N PRO A 148 -13.00 2.75 -29.29
CA PRO A 148 -12.69 3.81 -28.35
C PRO A 148 -13.95 4.57 -27.95
N PRO A 149 -13.92 5.32 -26.85
CA PRO A 149 -15.14 5.95 -26.37
C PRO A 149 -15.74 6.89 -27.41
N GLY A 150 -17.07 6.86 -27.51
CA GLY A 150 -17.78 7.71 -28.44
C GLY A 150 -18.02 7.13 -29.82
N GLY A 151 -17.38 6.02 -30.15
CA GLY A 151 -17.55 5.40 -31.45
C GLY A 151 -18.85 4.62 -31.54
N PRO A 152 -19.22 4.26 -32.77
CA PRO A 152 -20.43 3.46 -32.95
C PRO A 152 -20.28 2.08 -32.34
N ILE A 153 -21.41 1.55 -31.86
CA ILE A 153 -21.46 0.24 -31.21
C ILE A 153 -22.38 -0.66 -32.03
N PRO A 154 -21.96 -1.87 -32.39
CA PRO A 154 -22.87 -2.76 -33.11
C PRO A 154 -24.03 -3.20 -32.24
N ALA A 155 -25.18 -3.42 -32.88
CA ALA A 155 -26.37 -3.90 -32.20
C ALA A 155 -26.73 -5.34 -32.52
N LYS A 156 -26.01 -5.97 -33.46
CA LYS A 156 -26.28 -7.36 -33.83
C LYS A 156 -25.03 -7.92 -34.49
N VAL A 157 -25.02 -9.23 -34.67
CA VAL A 157 -23.84 -9.92 -35.19
C VAL A 157 -23.51 -9.44 -36.60
N ASP A 158 -24.53 -9.18 -37.42
CA ASP A 158 -24.36 -8.79 -38.81
C ASP A 158 -24.60 -7.31 -39.03
N ASP A 159 -24.20 -6.49 -38.06
CA ASP A 159 -24.38 -5.05 -38.17
C ASP A 159 -23.31 -4.46 -39.08
N TYR A 160 -23.59 -3.25 -39.58
CA TYR A 160 -22.64 -2.57 -40.47
C TYR A 160 -21.37 -2.14 -39.76
N ALA A 161 -21.43 -1.95 -38.43
CA ALA A 161 -20.27 -1.45 -37.70
C ALA A 161 -19.10 -2.42 -37.75
N TRP A 162 -19.34 -3.68 -38.13
CA TRP A 162 -18.28 -4.68 -38.18
C TRP A 162 -17.36 -4.52 -39.38
N GLN A 163 -17.48 -3.42 -40.12
CA GLN A 163 -16.64 -3.14 -41.29
C GLN A 163 -15.52 -2.17 -40.93
N THR A 164 -14.94 -2.33 -39.75
CA THR A 164 -14.01 -1.36 -39.16
C THR A 164 -13.07 -0.77 -40.21
N SER A 165 -13.07 0.56 -40.29
CA SER A 165 -12.16 1.29 -41.16
C SER A 165 -11.09 2.06 -40.38
N THR A 166 -11.35 2.39 -39.12
CA THR A 166 -10.39 3.08 -38.29
C THR A 166 -10.18 2.34 -36.98
N ASN A 167 -11.22 1.63 -36.52
CA ASN A 167 -11.11 0.87 -35.29
C ASN A 167 -10.24 -0.36 -35.50
N PRO A 168 -9.19 -0.57 -34.71
CA PRO A 168 -8.36 -1.77 -34.89
C PRO A 168 -9.15 -3.04 -34.61
N SER A 169 -8.78 -4.10 -35.32
CA SER A 169 -9.45 -5.38 -35.16
C SER A 169 -8.48 -6.50 -35.51
N ILE A 170 -8.81 -7.71 -35.05
CA ILE A 170 -8.02 -8.90 -35.30
C ILE A 170 -8.94 -10.00 -35.76
N PHE A 171 -8.53 -10.71 -36.80
CA PHE A 171 -9.23 -11.90 -37.28
C PHE A 171 -8.36 -13.12 -36.98
N TRP A 172 -8.94 -14.10 -36.29
CA TRP A 172 -8.19 -15.24 -35.78
C TRP A 172 -8.92 -16.53 -36.13
N THR A 173 -8.16 -17.55 -36.48
CA THR A 173 -8.69 -18.86 -36.86
C THR A 173 -8.28 -19.90 -35.82
N GLU A 174 -9.22 -20.78 -35.48
CA GLU A 174 -8.95 -21.80 -34.46
C GLU A 174 -7.85 -22.74 -34.94
N GLY A 175 -7.04 -23.19 -33.98
CA GLY A 175 -5.94 -24.09 -34.25
C GLY A 175 -4.58 -23.43 -34.30
N ASN A 176 -4.52 -22.11 -34.35
CA ASN A 176 -3.26 -21.38 -34.39
C ASN A 176 -2.94 -20.85 -32.99
N ALA A 177 -1.84 -20.11 -32.88
CA ALA A 177 -1.43 -19.56 -31.59
C ALA A 177 -2.40 -18.47 -31.15
N PRO A 178 -2.51 -18.21 -29.85
CA PRO A 178 -3.39 -17.14 -29.38
C PRO A 178 -2.97 -15.78 -29.91
N ALA A 179 -3.95 -14.92 -30.13
CA ALA A 179 -3.69 -13.59 -30.64
C ALA A 179 -2.96 -12.74 -29.59
N ARG A 180 -2.14 -11.81 -30.07
CA ARG A 180 -1.35 -10.97 -29.18
C ARG A 180 -1.00 -9.67 -29.86
N MET A 181 -0.73 -8.66 -29.04
CA MET A 181 -0.47 -7.30 -29.51
C MET A 181 0.04 -6.47 -28.34
N SER A 182 0.29 -5.19 -28.60
CA SER A 182 0.72 -4.25 -27.58
C SER A 182 -0.18 -3.02 -27.60
N ILE A 183 -0.33 -2.41 -26.43
CA ILE A 183 -1.10 -1.17 -26.29
C ILE A 183 -0.27 -0.17 -25.50
N PRO A 184 -0.11 1.07 -25.98
CA PRO A 184 0.68 2.06 -25.23
C PRO A 184 -0.07 2.66 -24.06
N PHE A 185 0.53 3.66 -23.41
CA PHE A 185 -0.10 4.36 -22.29
C PHE A 185 -1.12 5.35 -22.84
N ILE A 186 -2.41 5.06 -22.62
CA ILE A 186 -3.48 5.76 -23.29
C ILE A 186 -4.36 6.54 -22.31
N SER A 187 -3.77 7.01 -21.21
CA SER A 187 -4.51 7.79 -20.23
C SER A 187 -4.40 9.28 -20.54
N ILE A 188 -5.51 9.98 -20.38
CA ILE A 188 -5.51 11.43 -20.59
C ILE A 188 -4.62 12.11 -19.55
N GLY A 189 -4.61 11.60 -18.32
CA GLY A 189 -3.75 12.11 -17.29
C GLY A 189 -2.33 11.60 -17.41
N ASN A 190 -1.51 11.99 -16.44
CA ASN A 190 -0.11 11.59 -16.44
C ASN A 190 0.11 10.18 -15.88
N ALA A 191 -0.93 9.54 -15.36
CA ALA A 191 -0.79 8.20 -14.81
C ALA A 191 -2.17 7.65 -14.46
N TYR A 192 -2.32 6.34 -14.57
CA TYR A 192 -3.54 5.69 -14.14
C TYR A 192 -3.72 5.85 -12.64
N SER A 193 -4.98 5.96 -12.23
CA SER A 193 -5.33 6.10 -10.82
C SER A 193 -6.25 4.96 -10.42
N ASN A 194 -5.81 4.14 -9.49
CA ASN A 194 -6.64 3.03 -8.99
C ASN A 194 -7.74 3.53 -8.06
N PHE A 195 -7.53 4.68 -7.42
CA PHE A 195 -8.50 5.25 -6.49
C PHE A 195 -8.72 6.71 -6.83
N TYR A 196 -9.94 7.19 -6.57
CA TYR A 196 -10.32 8.58 -6.83
C TYR A 196 -11.33 8.99 -5.76
N ASP A 197 -10.86 9.74 -4.76
CA ASP A 197 -11.72 10.24 -3.70
C ASP A 197 -12.31 11.58 -4.14
N GLY A 198 -13.34 11.50 -4.96
CA GLY A 198 -13.97 12.69 -5.48
C GLY A 198 -15.27 12.35 -6.19
N TRP A 199 -15.93 13.40 -6.68
CA TRP A 199 -17.20 13.28 -7.36
C TRP A 199 -17.06 13.67 -8.83
N SER A 200 -18.16 13.53 -9.56
CA SER A 200 -18.18 13.87 -10.98
C SER A 200 -18.61 15.32 -11.21
N ASN A 201 -19.67 15.77 -10.55
CA ASN A 201 -20.13 17.14 -10.70
C ASN A 201 -19.34 18.06 -9.78
N PHE A 202 -19.35 19.36 -10.12
CA PHE A 202 -18.60 20.34 -9.35
C PHE A 202 -19.25 20.66 -8.01
N ASP A 203 -20.54 20.36 -7.86
CA ASP A 203 -21.26 20.59 -6.62
C ASP A 203 -21.25 19.38 -5.70
N GLN A 204 -20.28 18.48 -5.86
CA GLN A 204 -20.16 17.28 -5.04
C GLN A 204 -21.43 16.43 -5.10
N ARG A 205 -21.78 16.02 -6.31
CA ARG A 205 -22.97 15.17 -6.53
C ARG A 205 -22.67 14.27 -7.71
N GLY A 206 -23.40 13.19 -7.86
CA GLY A 206 -23.28 12.27 -8.98
C GLY A 206 -22.47 11.04 -8.64
N SER A 207 -21.74 10.52 -9.63
CA SER A 207 -20.94 9.33 -9.42
C SER A 207 -19.78 9.61 -8.46
N TYR A 208 -19.43 8.60 -7.67
CA TYR A 208 -18.36 8.70 -6.69
C TYR A 208 -17.44 7.50 -6.83
N GLY A 209 -16.14 7.75 -6.72
CA GLY A 209 -15.15 6.69 -6.76
C GLY A 209 -14.45 6.58 -8.11
N TYR A 210 -13.72 5.49 -8.30
CA TYR A 210 -12.91 5.30 -9.54
C TYR A 210 -13.84 5.06 -10.75
N ASN A 211 -15.14 4.88 -10.58
CA ASN A 211 -16.00 4.71 -11.74
C ASN A 211 -16.05 5.96 -12.62
N THR A 212 -15.71 7.13 -12.06
CA THR A 212 -15.80 8.36 -12.84
C THR A 212 -14.68 8.46 -13.87
N LEU A 213 -13.54 7.82 -13.63
CA LEU A 213 -12.36 7.96 -14.48
C LEU A 213 -12.21 6.80 -15.46
N ASN A 214 -13.19 5.91 -15.55
CA ASN A 214 -13.11 4.75 -16.45
C ASN A 214 -13.73 5.13 -17.78
N ASN A 215 -12.90 5.49 -18.75
CA ASN A 215 -13.36 5.85 -20.09
C ASN A 215 -12.45 5.21 -21.14
N LEU A 216 -12.17 3.93 -20.97
CA LEU A 216 -11.23 3.22 -21.84
C LEU A 216 -11.88 2.68 -23.10
N GLY A 217 -13.17 2.40 -23.10
CA GLY A 217 -13.86 1.93 -24.28
C GLY A 217 -14.52 0.58 -24.08
N HIS A 218 -14.70 -0.12 -25.19
CA HIS A 218 -15.39 -1.41 -25.20
C HIS A 218 -14.65 -2.37 -26.12
N ILE A 219 -14.94 -3.66 -25.96
CA ILE A 219 -14.40 -4.72 -26.79
C ILE A 219 -15.55 -5.58 -27.26
N TYR A 220 -15.59 -5.89 -28.56
CA TYR A 220 -16.64 -6.68 -29.15
C TYR A 220 -16.04 -7.90 -29.86
N VAL A 221 -16.73 -9.03 -29.76
CA VAL A 221 -16.28 -10.27 -30.36
C VAL A 221 -17.48 -10.98 -30.99
N ARG A 222 -17.22 -11.65 -32.11
CA ARG A 222 -18.27 -12.36 -32.83
C ARG A 222 -17.64 -13.43 -33.70
N HIS A 223 -18.47 -14.36 -34.15
CA HIS A 223 -18.09 -15.28 -35.21
C HIS A 223 -18.20 -14.55 -36.54
N VAL A 224 -17.16 -14.63 -37.37
CA VAL A 224 -17.12 -13.86 -38.61
C VAL A 224 -18.36 -14.16 -39.45
N SER A 225 -18.50 -15.43 -39.87
CA SER A 225 -19.67 -15.83 -40.63
C SER A 225 -20.18 -17.22 -40.25
N GLY A 226 -19.58 -17.87 -39.26
CA GLY A 226 -20.01 -19.20 -38.87
C GLY A 226 -21.44 -19.24 -38.39
N SER A 227 -22.23 -20.15 -38.96
CA SER A 227 -23.60 -20.38 -38.51
C SER A 227 -23.90 -21.86 -38.72
N SER A 228 -23.68 -22.65 -37.68
CA SER A 228 -23.82 -24.09 -37.77
C SER A 228 -25.30 -24.49 -37.77
N PRO A 229 -25.62 -25.65 -38.36
CA PRO A 229 -27.00 -26.15 -38.21
C PRO A 229 -27.39 -26.38 -36.77
N HIS A 230 -26.43 -26.74 -35.91
CA HIS A 230 -26.65 -26.92 -34.49
C HIS A 230 -25.84 -25.91 -33.68
N PRO A 231 -26.30 -25.51 -32.50
CA PRO A 231 -25.58 -24.47 -31.75
C PRO A 231 -24.18 -24.90 -31.38
N ILE A 232 -23.27 -23.92 -31.40
CA ILE A 232 -21.89 -24.10 -30.93
C ILE A 232 -21.56 -22.92 -30.03
N THR A 233 -20.99 -23.21 -28.86
CA THR A 233 -20.67 -22.20 -27.86
C THR A 233 -19.17 -21.98 -27.82
N SER A 234 -18.76 -20.72 -27.75
CA SER A 234 -17.36 -20.35 -27.68
C SER A 234 -17.12 -19.46 -26.47
N THR A 235 -15.92 -19.54 -25.92
CA THR A 235 -15.52 -18.76 -24.76
C THR A 235 -14.21 -18.04 -25.06
N ILE A 236 -14.10 -16.80 -24.59
CA ILE A 236 -12.92 -15.97 -24.79
C ILE A 236 -12.40 -15.53 -23.43
N ARG A 237 -11.08 -15.59 -23.26
CA ARG A 237 -10.41 -15.14 -22.05
C ARG A 237 -9.40 -14.05 -22.41
N VAL A 238 -9.39 -12.97 -21.62
CA VAL A 238 -8.54 -11.82 -21.86
C VAL A 238 -7.47 -11.78 -20.77
N TYR A 239 -6.22 -11.60 -21.17
CA TYR A 239 -5.09 -11.58 -20.25
C TYR A 239 -4.32 -10.27 -20.43
N PHE A 240 -4.02 -9.61 -19.32
CA PHE A 240 -3.28 -8.36 -19.31
C PHE A 240 -1.90 -8.58 -18.70
N LYS A 241 -0.91 -7.92 -19.29
CA LYS A 241 0.48 -8.05 -18.85
C LYS A 241 1.14 -6.68 -18.93
N PRO A 242 1.17 -5.92 -17.81
CA PRO A 242 1.87 -4.67 -17.78
C PRO A 242 3.35 -4.80 -18.19
N LYS A 243 3.91 -3.80 -18.86
CA LYS A 243 5.33 -3.76 -19.26
C LYS A 243 5.87 -2.37 -18.99
N HIS A 244 7.18 -2.20 -18.85
CA HIS A 244 7.79 -0.86 -18.67
C HIS A 244 6.95 -0.13 -17.63
N THR A 245 6.82 -0.63 -16.40
CA THR A 245 5.91 -0.11 -15.36
C THR A 245 6.55 0.84 -14.35
N ARG A 246 5.78 1.71 -13.71
CA ARG A 246 6.20 2.65 -12.68
C ARG A 246 5.05 2.87 -11.73
N ALA A 247 5.35 2.96 -10.43
CA ALA A 247 4.33 3.05 -9.41
C ALA A 247 4.69 4.13 -8.40
N TRP A 248 3.66 4.66 -7.74
CA TRP A 248 3.84 5.71 -6.74
C TRP A 248 2.89 5.48 -5.57
N VAL A 249 3.27 6.00 -4.41
CA VAL A 249 2.40 6.04 -3.24
C VAL A 249 1.86 4.65 -2.91
N PRO A 250 2.67 3.74 -2.40
CA PRO A 250 2.14 2.43 -2.01
C PRO A 250 1.16 2.55 -0.86
N ARG A 251 0.20 1.63 -0.81
CA ARG A 251 -0.85 1.61 0.18
C ARG A 251 -1.02 0.20 0.70
N PRO A 252 -1.57 0.03 1.90
CA PRO A 252 -1.64 -1.30 2.49
C PRO A 252 -2.52 -2.22 1.65
N PRO A 253 -2.19 -3.50 1.58
CA PRO A 253 -3.04 -4.44 0.84
C PRO A 253 -4.42 -4.57 1.48
N ARG A 254 -5.40 -4.87 0.65
CA ARG A 254 -6.77 -5.02 1.12
C ARG A 254 -6.89 -6.23 2.04
N LEU A 255 -7.82 -6.15 2.98
CA LEU A 255 -8.09 -7.21 3.94
C LEU A 255 -9.46 -7.85 3.75
N CYS A 256 -10.49 -7.06 3.47
CA CYS A 256 -11.83 -7.59 3.31
C CYS A 256 -12.05 -8.08 1.89
N GLN A 257 -12.95 -9.06 1.75
CA GLN A 257 -13.27 -9.61 0.44
C GLN A 257 -14.03 -8.59 -0.40
N TYR A 258 -13.75 -8.62 -1.70
CA TYR A 258 -14.44 -7.74 -2.64
C TYR A 258 -15.91 -8.17 -2.77
N LYS A 259 -16.77 -7.18 -2.99
CA LYS A 259 -18.20 -7.44 -3.17
C LYS A 259 -18.82 -6.70 -4.36
N LYS A 260 -18.18 -5.65 -4.87
CA LYS A 260 -18.68 -4.92 -6.03
C LYS A 260 -17.54 -4.66 -6.99
N ALA A 261 -17.86 -4.64 -8.29
CA ALA A 261 -16.87 -4.44 -9.33
C ALA A 261 -16.54 -2.97 -9.56
N PHE A 262 -17.35 -2.05 -9.05
CA PHE A 262 -17.13 -0.62 -9.27
C PHE A 262 -17.28 0.18 -7.98
N SER A 263 -16.96 -0.44 -6.84
CA SER A 263 -17.08 0.25 -5.56
C SER A 263 -16.14 -0.41 -4.56
N VAL A 264 -15.84 0.33 -3.49
CA VAL A 264 -14.99 -0.18 -2.42
C VAL A 264 -15.79 -0.79 -1.28
N ASP A 265 -17.12 -0.91 -1.44
CA ASP A 265 -17.96 -1.43 -0.38
C ASP A 265 -17.40 -2.75 0.15
N PHE A 266 -17.60 -2.98 1.44
CA PHE A 266 -17.07 -4.16 2.10
C PHE A 266 -17.85 -4.41 3.38
N THR A 267 -17.56 -5.55 4.00
CA THR A 267 -18.12 -5.89 5.30
C THR A 267 -17.00 -5.95 6.33
N PRO A 268 -17.23 -5.49 7.56
CA PRO A 268 -16.15 -5.52 8.57
C PRO A 268 -15.66 -6.94 8.80
N THR A 269 -14.35 -7.07 8.97
CA THR A 269 -13.69 -8.36 9.12
C THR A 269 -12.76 -8.32 10.32
N PRO A 270 -12.58 -9.44 11.02
CA PRO A 270 -11.60 -9.47 12.12
C PRO A 270 -10.19 -9.22 11.61
N ILE A 271 -9.37 -8.63 12.47
CA ILE A 271 -8.01 -8.28 12.08
C ILE A 271 -7.22 -9.53 11.70
N THR A 272 -7.35 -10.59 12.49
CA THR A 272 -6.64 -11.84 12.24
C THR A 272 -7.28 -12.93 13.08
N ASP A 273 -6.69 -14.12 13.03
CA ASP A 273 -7.21 -15.26 13.76
C ASP A 273 -6.76 -15.20 15.22
N THR A 274 -7.36 -16.08 16.03
CA THR A 274 -7.14 -16.09 17.47
C THR A 274 -6.40 -17.34 17.90
N ARG A 275 -5.98 -17.35 19.16
CA ARG A 275 -5.31 -18.49 19.77
C ARG A 275 -5.74 -18.58 21.23
N LYS A 276 -5.38 -19.67 21.90
CA LYS A 276 -5.85 -19.91 23.28
C LYS A 276 -5.51 -18.70 24.14
N ASP A 277 -4.24 -18.30 24.20
CA ASP A 277 -3.86 -17.20 25.07
C ASP A 277 -2.58 -16.57 24.53
N ILE A 278 -2.16 -15.49 25.19
CA ILE A 278 -0.98 -14.74 24.75
C ILE A 278 0.30 -15.53 24.88
N ASN A 279 0.32 -16.57 25.70
CA ASN A 279 1.53 -17.38 25.92
C ASN A 279 1.55 -18.64 25.09
N THR A 280 0.42 -19.05 24.51
CA THR A 280 0.39 -20.27 23.70
C THR A 280 1.33 -20.15 22.51
N VAL A 281 2.20 -21.14 22.36
CA VAL A 281 3.16 -21.16 21.27
C VAL A 281 3.15 -22.52 20.58
N THR A 282 2.47 -23.50 21.18
CA THR A 282 2.41 -24.83 20.62
C THR A 282 1.39 -24.88 19.48
N SER B 1 19.23 22.04 22.54
CA SER B 1 18.21 20.99 22.54
C SER B 1 17.44 20.97 21.23
N ASP B 2 17.15 19.77 20.74
CA ASP B 2 16.39 19.59 19.51
C ASP B 2 14.91 19.30 19.76
N ARG B 3 14.45 19.43 21.00
CA ARG B 3 13.06 19.16 21.34
C ARG B 3 12.18 20.40 21.23
N VAL B 4 12.73 21.53 20.80
CA VAL B 4 11.98 22.77 20.64
C VAL B 4 12.02 23.17 19.17
N ARG B 5 10.85 23.44 18.60
CA ARG B 5 10.75 23.82 17.18
C ARG B 5 9.85 25.02 17.08
N SER B 6 10.14 25.92 16.18
CA SER B 6 9.31 27.07 15.87
C SER B 6 9.06 27.13 14.37
N ILE B 7 7.81 27.37 13.99
CA ILE B 7 7.40 27.44 12.60
C ILE B 7 6.73 28.79 12.37
N THR B 8 7.12 29.47 11.29
CA THR B 8 6.60 30.80 10.96
C THR B 8 6.12 30.81 9.52
N LEU B 9 4.81 30.96 9.33
CA LEU B 9 4.22 31.12 8.00
C LEU B 9 3.36 32.38 8.00
N GLY B 10 3.59 33.24 7.02
CA GLY B 10 2.80 34.46 6.93
C GLY B 10 2.91 35.29 8.19
N ASN B 11 1.76 35.68 8.73
CA ASN B 11 1.68 36.50 9.94
C ASN B 11 1.32 35.68 11.17
N SER B 12 1.60 34.38 11.15
CA SER B 12 1.32 33.49 12.27
C SER B 12 2.55 32.65 12.58
N THR B 13 2.69 32.30 13.85
CA THR B 13 3.83 31.52 14.31
C THR B 13 3.35 30.43 15.26
N ILE B 14 4.02 29.28 15.20
CA ILE B 14 3.72 28.14 16.05
C ILE B 14 4.99 27.79 16.83
N THR B 15 4.87 27.71 18.15
CA THR B 15 5.99 27.37 19.01
C THR B 15 5.62 26.14 19.83
N THR B 16 6.49 25.13 19.82
CA THR B 16 6.30 23.93 20.61
C THR B 16 7.56 23.68 21.43
N GLN B 17 7.44 23.23 22.68
CA GLN B 17 8.60 23.02 23.59
C GLN B 17 8.90 21.54 23.82
N GLU B 18 7.96 20.63 23.52
CA GLU B 18 8.14 19.18 23.70
C GLU B 18 7.61 18.50 22.44
N CYS B 19 8.35 18.60 21.34
CA CYS B 19 7.94 18.02 20.04
C CYS B 19 8.97 17.04 19.54
N ALA B 20 8.56 16.07 18.75
CA ALA B 20 9.48 15.12 18.11
C ALA B 20 10.00 15.82 16.87
N ASN B 21 10.73 15.11 16.02
CA ASN B 21 11.19 15.66 14.75
C ASN B 21 9.99 15.98 13.85
N VAL B 22 10.30 16.49 12.66
CA VAL B 22 9.29 16.88 11.67
C VAL B 22 9.38 15.92 10.50
N VAL B 23 8.23 15.38 10.09
CA VAL B 23 8.14 14.45 8.99
C VAL B 23 7.80 15.23 7.73
N VAL B 24 8.56 14.99 6.66
CA VAL B 24 8.38 15.72 5.41
C VAL B 24 7.88 14.77 4.33
N GLY B 25 6.55 14.63 4.24
CA GLY B 25 5.92 13.85 3.19
C GLY B 25 6.67 12.58 2.82
N TYR B 26 7.01 12.45 1.54
CA TYR B 26 7.85 11.37 1.04
C TYR B 26 9.27 11.86 0.78
N GLY B 27 9.76 12.77 1.60
CA GLY B 27 11.05 13.40 1.37
C GLY B 27 11.03 14.53 0.38
N ARG B 28 9.85 14.99 -0.03
CA ARG B 28 9.71 16.04 -1.05
C ARG B 28 9.13 17.31 -0.43
N TRP B 29 9.82 18.44 -0.55
CA TRP B 29 9.32 19.70 -0.01
C TRP B 29 8.35 20.35 -0.98
N PRO B 30 7.31 21.02 -0.50
CA PRO B 30 6.39 21.71 -1.42
C PRO B 30 7.10 22.75 -2.26
N THR B 31 6.65 22.90 -3.51
CA THR B 31 7.25 23.84 -4.44
C THR B 31 6.22 24.23 -5.48
N TYR B 32 6.51 25.33 -6.18
CA TYR B 32 5.63 25.82 -7.22
C TYR B 32 5.73 24.94 -8.47
N LEU B 33 4.69 25.02 -9.30
CA LEU B 33 4.67 24.24 -10.53
C LEU B 33 5.70 24.77 -11.53
N ARG B 34 6.42 23.84 -12.15
CA ARG B 34 7.45 24.22 -13.11
C ARG B 34 6.84 24.53 -14.47
N ASP B 35 7.62 25.22 -15.31
CA ASP B 35 7.14 25.62 -16.62
C ASP B 35 6.96 24.43 -17.55
N ASP B 36 7.83 23.43 -17.44
CA ASP B 36 7.81 22.28 -18.35
C ASP B 36 6.82 21.20 -17.93
N GLU B 37 6.11 21.38 -16.81
CA GLU B 37 5.06 20.46 -16.39
C GLU B 37 3.67 21.06 -16.45
N ALA B 38 3.54 22.37 -16.63
CA ALA B 38 2.24 23.01 -16.64
C ALA B 38 1.49 22.68 -17.92
N THR B 39 0.17 22.78 -17.84
CA THR B 39 -0.72 22.56 -18.98
C THR B 39 -1.62 23.75 -19.26
N ALA B 40 -2.08 24.45 -18.22
CA ALA B 40 -2.87 25.66 -18.42
C ALA B 40 -2.02 26.75 -19.03
N GLU B 41 -2.65 27.65 -19.78
CA GLU B 41 -1.94 28.66 -20.56
C GLU B 41 -1.86 30.02 -19.87
N ASP B 42 -2.89 30.40 -19.14
CA ASP B 42 -2.96 31.77 -18.53
C ASP B 42 -2.09 31.87 -17.27
N GLN B 43 -1.73 33.09 -16.86
CA GLN B 43 -0.83 33.35 -15.71
C GLN B 43 -1.51 32.86 -14.43
N PRO B 44 -0.82 32.13 -13.53
CA PRO B 44 -1.43 31.74 -12.28
C PRO B 44 -1.33 32.84 -11.23
N THR B 45 -2.37 33.00 -10.41
CA THR B 45 -2.34 33.94 -9.28
C THR B 45 -1.49 33.27 -8.21
N GLN B 46 -0.89 34.03 -7.31
CA GLN B 46 0.01 33.48 -6.27
C GLN B 46 -0.21 34.31 -5.00
N PRO B 47 -1.42 34.31 -4.42
CA PRO B 47 -1.62 35.02 -3.18
C PRO B 47 -0.60 34.32 -2.29
N ASP B 48 0.26 35.04 -1.58
CA ASP B 48 1.34 34.40 -0.80
C ASP B 48 0.98 34.45 0.69
N VAL B 49 1.29 35.53 1.39
CA VAL B 49 1.08 35.60 2.86
C VAL B 49 -0.42 35.57 3.17
N ALA B 50 -1.27 35.84 2.20
CA ALA B 50 -2.73 35.90 2.41
C ALA B 50 -3.31 34.50 2.57
N THR B 51 -2.91 33.55 1.72
CA THR B 51 -3.46 32.18 1.74
C THR B 51 -2.54 31.29 2.58
N CYS B 52 -1.23 31.50 2.50
CA CYS B 52 -0.23 30.68 3.22
C CYS B 52 -0.06 31.18 4.65
N ARG B 53 -0.76 30.59 5.61
CA ARG B 53 -0.80 31.04 7.03
C ARG B 53 -1.42 29.90 7.82
N PHE B 54 -1.24 29.82 9.14
CA PHE B 54 -1.85 28.75 9.96
C PHE B 54 -3.33 29.08 10.21
N TYR B 55 -4.22 28.10 10.11
CA TYR B 55 -5.68 28.27 10.34
C TYR B 55 -6.13 27.18 11.31
N THR B 56 -6.48 27.52 12.54
CA THR B 56 -6.85 26.52 13.57
C THR B 56 -8.31 26.09 13.40
N LEU B 57 -8.55 24.79 13.20
CA LEU B 57 -9.91 24.24 13.05
C LEU B 57 -10.50 24.08 14.45
N ASP B 58 -11.80 23.79 14.56
CA ASP B 58 -12.48 23.64 15.87
C ASP B 58 -11.80 22.53 16.68
N SER B 59 -11.84 22.60 18.01
CA SER B 59 -11.15 21.63 18.90
C SER B 59 -12.11 20.51 19.25
N ILE B 60 -11.61 19.33 19.62
CA ILE B 60 -12.44 18.14 19.95
C ILE B 60 -12.15 17.73 21.39
N LYS B 61 -12.97 16.87 21.99
CA LYS B 61 -12.76 16.32 23.33
C LYS B 61 -12.29 14.87 23.22
N TRP B 62 -11.28 14.53 24.00
CA TRP B 62 -10.78 13.15 24.08
C TRP B 62 -11.24 12.56 25.42
N GLU B 63 -12.17 11.61 25.35
CA GLU B 63 -12.64 10.90 26.52
C GLU B 63 -12.07 9.49 26.56
N LYS B 64 -12.37 8.77 27.64
CA LYS B 64 -11.87 7.41 27.79
C LYS B 64 -12.47 6.48 26.73
N GLY B 65 -13.62 6.85 26.17
CA GLY B 65 -14.29 6.04 25.18
C GLY B 65 -14.15 6.49 23.75
N SER B 66 -13.25 7.44 23.46
CA SER B 66 -13.08 7.91 22.10
C SER B 66 -12.52 6.79 21.22
N VAL B 67 -12.86 6.85 19.93
CA VAL B 67 -12.46 5.81 18.98
C VAL B 67 -11.59 6.39 17.88
N GLY B 68 -11.79 7.66 17.57
CA GLY B 68 -11.00 8.33 16.55
C GLY B 68 -11.83 9.32 15.77
N TRP B 69 -11.13 10.09 14.94
CA TRP B 69 -11.76 11.11 14.11
C TRP B 69 -10.99 11.22 12.80
N TRP B 70 -11.63 11.83 11.80
CA TRP B 70 -10.98 12.09 10.53
C TRP B 70 -11.47 13.41 9.95
N TRP B 71 -10.62 14.03 9.14
CA TRP B 71 -10.97 15.24 8.40
C TRP B 71 -10.52 15.07 6.96
N LYS B 72 -11.28 15.67 6.04
CA LYS B 72 -10.97 15.65 4.63
C LYS B 72 -10.63 17.06 4.15
N PHE B 73 -9.55 17.17 3.38
CA PHE B 73 -9.07 18.45 2.90
C PHE B 73 -9.14 18.50 1.37
N PRO B 74 -9.24 19.71 0.79
CA PRO B 74 -9.30 21.01 1.44
C PRO B 74 -10.72 21.44 1.81
N GLU B 75 -11.67 20.50 1.72
CA GLU B 75 -13.05 20.81 2.10
C GLU B 75 -13.13 21.32 3.53
N ALA B 76 -12.19 20.90 4.39
CA ALA B 76 -12.16 21.42 5.75
C ALA B 76 -11.89 22.92 5.77
N LEU B 77 -10.97 23.40 4.93
CA LEU B 77 -10.62 24.80 4.84
C LEU B 77 -11.45 25.53 3.79
N SER B 78 -12.46 24.88 3.22
CA SER B 78 -13.23 25.47 2.13
C SER B 78 -13.86 26.81 2.52
N ASP B 79 -14.12 27.04 3.80
CA ASP B 79 -14.76 28.27 4.27
C ASP B 79 -13.88 28.95 5.32
N MET B 80 -12.59 29.09 5.03
CA MET B 80 -11.60 29.63 5.99
C MET B 80 -10.75 30.74 5.34
N GLY B 81 -10.90 31.98 5.78
CA GLY B 81 -10.11 33.10 5.31
C GLY B 81 -10.23 33.33 3.81
N LEU B 82 -9.20 33.97 3.26
CA LEU B 82 -9.12 34.20 1.82
C LEU B 82 -8.89 32.91 1.03
N PHE B 83 -8.41 31.85 1.69
CA PHE B 83 -8.22 30.58 1.01
C PHE B 83 -9.53 30.05 0.45
N GLY B 84 -10.60 30.11 1.25
CA GLY B 84 -11.89 29.68 0.77
C GLY B 84 -12.40 30.52 -0.38
N GLN B 85 -12.19 31.85 -0.30
CA GLN B 85 -12.63 32.72 -1.38
C GLN B 85 -11.89 32.40 -2.67
N ASN B 86 -10.58 32.19 -2.58
CA ASN B 86 -9.80 31.84 -3.78
C ASN B 86 -10.26 30.52 -4.36
N MET B 87 -10.55 29.54 -3.50
CA MET B 87 -11.10 28.28 -4.01
C MET B 87 -12.43 28.52 -4.73
N GLN B 88 -13.30 29.34 -4.13
CA GLN B 88 -14.62 29.57 -4.70
C GLN B 88 -14.53 30.24 -6.07
N TYR B 89 -13.62 31.21 -6.21
CA TYR B 89 -13.57 32.03 -7.42
C TYR B 89 -12.72 31.42 -8.53
N HIS B 90 -12.03 30.31 -8.29
CA HIS B 90 -11.11 29.74 -9.27
C HIS B 90 -11.51 28.32 -9.64
N TYR B 91 -11.12 27.92 -10.85
CA TYR B 91 -11.45 26.59 -11.35
C TYR B 91 -10.38 25.56 -10.96
N LEU B 92 -9.11 25.97 -10.94
CA LEU B 92 -8.01 25.06 -10.65
C LEU B 92 -7.22 25.58 -9.46
N GLY B 93 -6.60 24.65 -8.74
CA GLY B 93 -5.79 24.99 -7.58
C GLY B 93 -4.67 24.00 -7.36
N ARG B 94 -3.71 24.41 -6.55
CA ARG B 94 -2.55 23.58 -6.25
C ARG B 94 -1.81 24.13 -5.03
N ALA B 95 -1.57 23.30 -4.02
CA ALA B 95 -0.91 23.77 -2.82
C ALA B 95 -0.53 22.59 -1.94
N GLY B 96 0.64 22.70 -1.28
CA GLY B 96 1.01 21.79 -0.23
C GLY B 96 0.52 22.28 1.12
N TYR B 97 0.57 21.37 2.11
CA TYR B 97 0.02 21.67 3.42
C TYR B 97 1.01 21.29 4.51
N THR B 98 0.92 22.00 5.63
CA THR B 98 1.67 21.69 6.84
C THR B 98 0.65 21.48 7.97
N ILE B 99 0.66 20.30 8.57
CA ILE B 99 -0.34 19.90 9.55
C ILE B 99 0.33 19.84 10.92
N HIS B 100 -0.29 20.48 11.90
CA HIS B 100 0.19 20.47 13.28
C HIS B 100 -0.97 20.11 14.19
N VAL B 101 -0.76 19.12 15.06
CA VAL B 101 -1.77 18.63 15.98
C VAL B 101 -1.24 18.85 17.39
N GLN B 102 -2.08 19.44 18.25
CA GLN B 102 -1.71 19.76 19.62
C GLN B 102 -2.49 18.87 20.59
N CYS B 103 -1.79 18.32 21.57
CA CYS B 103 -2.43 17.53 22.62
C CYS B 103 -1.46 17.43 23.79
N ASN B 104 -1.85 18.03 24.92
CA ASN B 104 -0.98 18.10 26.09
C ASN B 104 -1.70 17.53 27.31
N ALA B 105 -0.95 16.87 28.17
CA ALA B 105 -1.49 16.31 29.40
C ALA B 105 -0.37 16.20 30.42
N SER B 106 -0.76 16.06 31.68
CA SER B 106 0.22 15.97 32.76
C SER B 106 1.02 14.68 32.64
N LYS B 107 2.06 14.56 33.47
CA LYS B 107 2.91 13.38 33.46
C LYS B 107 2.21 12.15 34.03
N PHE B 108 1.04 12.31 34.64
CA PHE B 108 0.30 11.19 35.21
C PHE B 108 -0.76 10.63 34.27
N HIS B 109 -0.86 11.16 33.05
CA HIS B 109 -1.76 10.62 32.04
C HIS B 109 -1.00 9.65 31.13
N GLN B 110 -1.75 8.73 30.53
CA GLN B 110 -1.19 7.76 29.60
C GLN B 110 -2.10 7.60 28.41
N GLY B 111 -1.50 7.43 27.24
CA GLY B 111 -2.24 7.27 26.00
C GLY B 111 -1.34 7.48 24.81
N CYS B 112 -1.83 7.05 23.66
CA CYS B 112 -1.07 7.16 22.41
C CYS B 112 -2.05 7.43 21.27
N LEU B 113 -1.66 8.35 20.40
CA LEU B 113 -2.45 8.71 19.22
C LEU B 113 -1.63 8.48 17.96
N LEU B 114 -2.30 8.07 16.90
CA LEU B 114 -1.68 7.91 15.60
C LEU B 114 -2.19 9.02 14.68
N VAL B 115 -1.25 9.80 14.13
CA VAL B 115 -1.57 10.88 13.20
C VAL B 115 -1.00 10.50 11.84
N VAL B 116 -1.88 10.41 10.83
CA VAL B 116 -1.49 9.94 9.52
C VAL B 116 -2.32 10.68 8.47
N CYS B 117 -1.69 10.99 7.34
CA CYS B 117 -2.35 11.59 6.20
C CYS B 117 -2.46 10.55 5.10
N VAL B 118 -3.68 10.26 4.68
CA VAL B 118 -3.96 9.20 3.71
C VAL B 118 -4.38 9.86 2.40
N PRO B 119 -3.55 9.85 1.37
CA PRO B 119 -3.97 10.39 0.07
C PRO B 119 -4.92 9.46 -0.65
N GLU B 120 -5.99 10.02 -1.20
CA GLU B 120 -7.00 9.26 -1.93
C GLU B 120 -7.63 8.20 -1.03
N ALA B 121 -8.18 8.67 0.09
CA ALA B 121 -8.80 7.79 1.09
C ALA B 121 -10.25 7.52 0.71
N GLU B 122 -10.43 6.77 -0.37
CA GLU B 122 -11.77 6.38 -0.81
C GLU B 122 -12.42 5.50 0.25
N MET B 123 -13.69 5.76 0.54
CA MET B 123 -14.42 5.05 1.62
C MET B 123 -15.65 4.36 1.06
N GLY B 124 -16.05 3.24 1.66
CA GLY B 124 -17.23 2.48 1.21
C GLY B 124 -18.40 2.70 2.14
N GLY B 125 -19.62 2.60 1.63
CA GLY B 125 -20.83 2.88 2.43
C GLY B 125 -21.17 1.75 3.36
N ALA B 126 -21.95 2.03 4.41
CA ALA B 126 -22.31 1.04 5.44
C ALA B 126 -22.99 -0.16 4.79
N VAL B 127 -24.00 0.05 3.97
CA VAL B 127 -24.70 -1.05 3.25
C VAL B 127 -24.07 -1.17 1.86
N VAL B 128 -23.45 -2.31 1.57
CA VAL B 128 -22.78 -2.53 0.26
C VAL B 128 -23.87 -2.43 -0.80
N GLY B 129 -23.65 -1.61 -1.83
CA GLY B 129 -24.63 -1.41 -2.90
C GLY B 129 -25.69 -0.40 -2.51
N GLN B 130 -25.30 0.76 -2.01
CA GLN B 130 -26.23 1.86 -1.64
C GLN B 130 -25.34 3.09 -1.53
N ALA B 131 -25.62 4.13 -2.30
CA ALA B 131 -24.78 5.36 -2.35
C ALA B 131 -25.01 6.26 -1.15
N PHE B 132 -24.06 7.14 -0.86
CA PHE B 132 -24.15 8.12 0.25
C PHE B 132 -23.96 9.52 -0.36
N SER B 133 -24.46 10.58 0.27
CA SER B 133 -24.38 11.96 -0.27
C SER B 133 -23.01 12.54 0.08
N ALA B 134 -22.70 13.79 -0.28
CA ALA B 134 -21.44 14.38 0.17
C ALA B 134 -21.64 15.10 1.49
N THR B 135 -22.20 14.40 2.47
CA THR B 135 -22.41 14.96 3.80
C THR B 135 -22.02 13.99 4.92
N ALA B 136 -22.01 12.69 4.66
CA ALA B 136 -21.58 11.71 5.65
C ALA B 136 -20.07 11.61 5.77
N MET B 137 -19.32 12.30 4.91
CA MET B 137 -17.87 12.23 4.92
C MET B 137 -17.19 13.59 4.89
N ALA B 138 -17.93 14.67 4.63
CA ALA B 138 -17.35 16.01 4.67
C ALA B 138 -18.47 17.03 4.75
N ASN B 139 -18.49 17.82 5.83
CA ASN B 139 -19.48 18.88 6.00
C ASN B 139 -18.81 20.12 6.57
N GLY B 140 -17.64 20.47 6.04
CA GLY B 140 -16.91 21.63 6.51
C GLY B 140 -15.74 21.25 7.40
N ASP B 141 -15.53 22.01 8.47
CA ASP B 141 -14.42 21.77 9.37
C ASP B 141 -14.78 20.85 10.54
N LYS B 142 -16.04 20.45 10.68
CA LYS B 142 -16.42 19.57 11.77
C LYS B 142 -15.78 18.20 11.59
N ALA B 143 -15.47 17.55 12.70
CA ALA B 143 -14.82 16.25 12.69
C ALA B 143 -15.86 15.15 12.65
N TYR B 144 -15.52 14.06 11.96
CA TYR B 144 -16.38 12.88 11.87
C TYR B 144 -15.78 11.77 12.74
N GLU B 145 -16.65 11.04 13.43
CA GLU B 145 -16.24 10.07 14.44
C GLU B 145 -16.33 8.66 13.91
N PHE B 146 -15.29 7.87 14.15
CA PHE B 146 -15.34 6.45 13.89
C PHE B 146 -16.22 5.75 14.93
N THR B 147 -16.55 4.49 14.65
CA THR B 147 -17.40 3.70 15.53
C THR B 147 -16.72 2.38 15.85
N SER B 148 -16.90 1.92 17.08
CA SER B 148 -16.34 0.63 17.47
C SER B 148 -17.10 -0.52 16.82
N ALA B 149 -18.42 -0.45 16.83
CA ALA B 149 -19.25 -1.48 16.22
C ALA B 149 -19.45 -1.22 14.74
N THR B 150 -19.99 -2.21 14.05
CA THR B 150 -20.24 -2.08 12.62
C THR B 150 -21.40 -1.12 12.37
N GLN B 151 -21.20 -0.21 11.42
CA GLN B 151 -22.24 0.76 11.09
C GLN B 151 -23.43 0.06 10.44
N SER B 152 -24.63 0.54 10.76
CA SER B 152 -25.87 -0.03 10.25
C SER B 152 -26.70 0.94 9.43
N ASP B 153 -26.61 2.24 9.70
CA ASP B 153 -27.39 3.21 8.95
C ASP B 153 -26.89 3.29 7.51
N GLN B 154 -27.80 3.25 6.54
CA GLN B 154 -27.41 3.19 5.11
C GLN B 154 -26.98 4.55 4.59
N THR B 155 -27.32 5.64 5.28
CA THR B 155 -27.05 6.97 4.76
C THR B 155 -25.67 7.50 5.12
N LYS B 156 -24.83 6.69 5.75
CA LYS B 156 -23.50 7.14 6.17
C LYS B 156 -22.48 6.05 5.87
N VAL B 157 -21.20 6.42 6.01
CA VAL B 157 -20.11 5.53 5.67
C VAL B 157 -19.92 4.48 6.74
N GLN B 158 -19.34 3.35 6.35
CA GLN B 158 -18.99 2.29 7.29
C GLN B 158 -17.86 2.80 8.20
N THR B 159 -18.14 2.91 9.49
CA THR B 159 -17.23 3.52 10.45
C THR B 159 -16.48 2.50 11.30
N ALA B 160 -16.42 1.24 10.88
CA ALA B 160 -15.67 0.24 11.62
C ALA B 160 -14.23 0.69 11.80
N ILE B 161 -13.82 0.93 13.05
CA ILE B 161 -12.50 1.49 13.30
C ILE B 161 -11.40 0.54 12.86
N HIS B 162 -11.54 -0.75 13.19
CA HIS B 162 -10.49 -1.71 12.88
C HIS B 162 -10.25 -1.86 11.38
N ASN B 163 -11.21 -1.47 10.54
CA ASN B 163 -11.03 -1.46 9.10
C ASN B 163 -10.77 -0.07 8.54
N ALA B 164 -11.01 0.98 9.31
CA ALA B 164 -10.72 2.35 8.92
C ALA B 164 -11.56 2.80 7.72
N GLY B 165 -12.69 2.14 7.48
CA GLY B 165 -13.56 2.52 6.39
C GLY B 165 -12.95 2.40 5.01
N MET B 166 -11.88 1.62 4.87
CA MET B 166 -11.23 1.41 3.58
C MET B 166 -11.02 -0.06 3.25
N GLY B 167 -11.50 -0.97 4.09
CA GLY B 167 -11.31 -2.38 3.84
C GLY B 167 -9.90 -2.88 4.03
N VAL B 168 -9.09 -2.18 4.82
CA VAL B 168 -7.71 -2.56 5.06
C VAL B 168 -7.46 -2.59 6.55
N GLY B 169 -6.42 -3.33 6.94
CA GLY B 169 -6.04 -3.40 8.34
C GLY B 169 -5.63 -2.05 8.89
N VAL B 170 -6.21 -1.67 10.02
CA VAL B 170 -5.90 -0.37 10.61
C VAL B 170 -4.45 -0.29 11.02
N GLY B 171 -3.84 -1.43 11.38
CA GLY B 171 -2.46 -1.43 11.82
C GLY B 171 -1.45 -1.25 10.70
N ASN B 172 -1.88 -1.32 9.44
CA ASN B 172 -0.99 -1.16 8.30
C ASN B 172 -0.95 0.27 7.77
N LEU B 173 -1.60 1.22 8.45
CA LEU B 173 -1.56 2.62 8.03
C LEU B 173 -0.18 3.24 8.20
N THR B 174 0.75 2.55 8.84
CA THR B 174 2.10 3.09 9.05
C THR B 174 2.80 3.41 7.74
N ILE B 175 2.36 2.81 6.62
CA ILE B 175 3.03 3.05 5.35
C ILE B 175 2.92 4.51 4.94
N TYR B 176 1.78 5.14 5.16
CA TYR B 176 1.60 6.54 4.80
C TYR B 176 2.43 7.42 5.73
N PRO B 177 2.71 8.66 5.32
CA PRO B 177 3.36 9.60 6.24
C PRO B 177 2.54 9.75 7.51
N HIS B 178 3.22 9.69 8.65
CA HIS B 178 2.53 9.58 9.93
C HIS B 178 3.44 10.04 11.05
N GLN B 179 2.85 10.16 12.25
CA GLN B 179 3.60 10.43 13.46
C GLN B 179 2.74 10.00 14.64
N TRP B 180 3.40 9.77 15.77
CA TRP B 180 2.74 9.33 16.99
C TRP B 180 2.83 10.43 18.04
N ILE B 181 1.75 10.59 18.81
CA ILE B 181 1.72 11.50 19.95
C ILE B 181 1.62 10.62 21.19
N ASN B 182 2.75 10.36 21.83
CA ASN B 182 2.81 9.58 23.06
C ASN B 182 2.90 10.56 24.22
N LEU B 183 1.93 10.48 25.14
CA LEU B 183 1.87 11.45 26.23
C LEU B 183 3.10 11.39 27.12
N ARG B 184 3.85 10.29 27.09
CA ARG B 184 5.05 10.19 27.91
C ARG B 184 6.09 11.22 27.48
N THR B 185 6.28 11.41 26.17
CA THR B 185 7.39 12.20 25.67
C THR B 185 7.02 13.19 24.57
N ASN B 186 5.74 13.31 24.22
CA ASN B 186 5.36 14.15 23.07
C ASN B 186 4.02 14.80 23.36
N ASN B 187 3.80 16.00 22.82
CA ASN B 187 2.50 16.70 22.96
C ASN B 187 1.94 17.00 21.56
N SER B 188 2.73 17.07 20.51
CA SER B 188 2.27 17.52 19.21
C SER B 188 3.01 16.76 18.11
N ALA B 189 2.41 16.73 16.93
CA ALA B 189 2.98 16.10 15.75
C ALA B 189 2.92 17.07 14.57
N THR B 190 3.97 17.07 13.76
CA THR B 190 4.08 17.95 12.61
C THR B 190 4.36 17.13 11.37
N ILE B 191 3.55 17.33 10.33
CA ILE B 191 3.71 16.64 9.05
C ILE B 191 3.64 17.66 7.93
N VAL B 192 4.57 17.58 6.99
CA VAL B 192 4.59 18.44 5.81
C VAL B 192 4.23 17.57 4.61
N MET B 193 3.06 17.80 4.00
CA MET B 193 2.57 16.96 2.89
C MET B 193 2.63 17.73 1.57
N PRO B 194 3.50 17.38 0.62
CA PRO B 194 3.53 18.04 -0.70
C PRO B 194 2.27 17.71 -1.50
N TYR B 195 2.16 18.35 -2.66
CA TYR B 195 1.01 18.12 -3.53
C TYR B 195 1.18 16.78 -4.25
N ILE B 196 0.24 15.87 -4.05
CA ILE B 196 0.28 14.54 -4.65
C ILE B 196 -1.00 14.35 -5.44
N ASN B 197 -0.86 14.09 -6.74
CA ASN B 197 -2.00 13.87 -7.62
C ASN B 197 -1.46 13.39 -8.96
N SER B 198 -2.37 12.87 -9.78
CA SER B 198 -2.03 12.38 -11.10
C SER B 198 -2.04 13.46 -12.17
N VAL B 199 -2.41 14.68 -11.82
CA VAL B 199 -2.45 15.79 -12.77
C VAL B 199 -1.79 17.01 -12.13
N PRO B 200 -1.26 17.95 -12.93
CA PRO B 200 -0.61 19.12 -12.32
C PRO B 200 -1.53 19.93 -11.43
N MET B 201 -2.81 20.01 -11.77
CA MET B 201 -3.78 20.81 -11.01
C MET B 201 -5.12 20.10 -11.03
N ASP B 202 -5.98 20.48 -10.09
CA ASP B 202 -7.30 19.89 -9.99
C ASP B 202 -8.21 20.84 -9.22
N ASN B 203 -9.52 20.64 -9.40
CA ASN B 203 -10.50 21.43 -8.68
C ASN B 203 -10.55 21.00 -7.22
N MET B 204 -10.49 21.96 -6.31
CA MET B 204 -10.48 21.67 -4.88
C MET B 204 -11.86 21.49 -4.29
N PHE B 205 -12.93 21.68 -5.07
CA PHE B 205 -14.27 21.40 -4.58
C PHE B 205 -14.78 20.04 -4.99
N ARG B 206 -14.20 19.45 -6.04
CA ARG B 206 -14.68 18.16 -6.54
C ARG B 206 -13.84 17.00 -6.03
N HIS B 207 -12.59 17.24 -5.67
CA HIS B 207 -11.63 16.18 -5.36
C HIS B 207 -11.05 16.40 -3.97
N TYR B 208 -11.03 15.34 -3.17
CA TYR B 208 -10.39 15.36 -1.85
C TYR B 208 -8.95 14.89 -2.01
N ASN B 209 -8.00 15.80 -1.83
CA ASN B 209 -6.60 15.45 -2.04
C ASN B 209 -6.13 14.36 -1.08
N PHE B 210 -6.43 14.53 0.20
CA PHE B 210 -6.00 13.56 1.21
C PHE B 210 -6.89 13.69 2.43
N THR B 211 -6.80 12.69 3.31
CA THR B 211 -7.60 12.62 4.52
C THR B 211 -6.69 12.51 5.72
N LEU B 212 -7.03 13.21 6.80
CA LEU B 212 -6.29 13.19 8.05
C LEU B 212 -7.06 12.36 9.06
N MET B 213 -6.38 11.40 9.69
CA MET B 213 -7.01 10.51 10.66
C MET B 213 -6.24 10.55 11.98
N VAL B 214 -6.98 10.56 13.08
CA VAL B 214 -6.42 10.48 14.43
C VAL B 214 -7.10 9.30 15.13
N ILE B 215 -6.32 8.28 15.48
CA ILE B 215 -6.83 7.06 16.06
C ILE B 215 -6.10 6.82 17.39
N PRO B 216 -6.80 6.73 18.52
CA PRO B 216 -6.14 6.36 19.78
C PRO B 216 -5.88 4.85 19.84
N PHE B 217 -4.62 4.46 19.67
CA PHE B 217 -4.27 3.05 19.78
C PHE B 217 -4.27 2.60 21.24
N VAL B 218 -3.79 3.45 22.14
CA VAL B 218 -3.82 3.21 23.58
C VAL B 218 -4.82 4.17 24.18
N LYS B 219 -5.92 3.65 24.69
CA LYS B 219 -7.00 4.49 25.19
C LYS B 219 -6.53 5.31 26.39
N LEU B 220 -7.05 6.54 26.49
CA LEU B 220 -6.66 7.44 27.56
C LEU B 220 -7.07 6.88 28.91
N ASP B 221 -6.23 7.13 29.92
CA ASP B 221 -6.50 6.66 31.27
C ASP B 221 -5.86 7.62 32.27
N TYR B 222 -6.50 7.74 33.43
CA TYR B 222 -6.00 8.60 34.50
C TYR B 222 -6.75 8.22 35.77
N ALA B 223 -6.30 8.77 36.89
CA ALA B 223 -6.90 8.46 38.18
C ALA B 223 -6.73 9.64 39.13
N ASP B 224 -7.81 9.96 39.85
CA ASP B 224 -7.78 10.95 40.93
C ASP B 224 -7.23 12.29 40.44
N THR B 225 -7.96 12.91 39.52
CA THR B 225 -7.64 14.24 39.04
C THR B 225 -8.92 14.96 38.67
N ALA B 226 -8.85 16.30 38.65
CA ALA B 226 -10.00 17.12 38.33
C ALA B 226 -10.19 17.33 36.84
N SER B 227 -9.24 16.92 36.01
CA SER B 227 -9.35 17.05 34.57
C SER B 227 -10.11 15.83 34.03
N THR B 228 -11.20 16.07 33.33
CA THR B 228 -12.06 15.01 32.83
C THR B 228 -11.81 14.66 31.37
N TYR B 229 -11.18 15.54 30.60
CA TYR B 229 -10.96 15.30 29.18
C TYR B 229 -9.71 16.03 28.74
N VAL B 230 -9.15 15.57 27.62
CA VAL B 230 -7.93 16.14 27.05
C VAL B 230 -8.26 16.70 25.67
N PRO B 231 -8.43 18.02 25.52
CA PRO B 231 -8.76 18.57 24.20
C PRO B 231 -7.67 18.33 23.18
N ILE B 232 -8.08 18.17 21.92
CA ILE B 232 -7.18 18.04 20.80
C ILE B 232 -7.50 19.14 19.79
N THR B 233 -6.47 19.79 19.27
CA THR B 233 -6.62 20.87 18.31
C THR B 233 -5.75 20.58 17.10
N VAL B 234 -6.23 21.00 15.93
CA VAL B 234 -5.56 20.76 14.66
C VAL B 234 -5.35 22.10 13.97
N THR B 235 -4.14 22.32 13.46
CA THR B 235 -3.79 23.53 12.73
C THR B 235 -3.18 23.16 11.40
N VAL B 236 -3.58 23.87 10.34
CA VAL B 236 -3.12 23.60 8.99
C VAL B 236 -2.73 24.91 8.32
N ALA B 237 -1.75 24.84 7.43
CA ALA B 237 -1.26 26.02 6.73
C ALA B 237 -0.90 25.67 5.28
N PRO B 238 -1.65 26.17 4.30
CA PRO B 238 -1.26 25.92 2.90
C PRO B 238 0.10 26.51 2.59
N MET B 239 0.81 25.87 1.67
CA MET B 239 2.14 26.28 1.28
C MET B 239 2.25 26.31 -0.24
N CYS B 240 2.88 27.36 -0.75
CA CYS B 240 3.13 27.51 -2.19
C CYS B 240 1.83 27.35 -2.98
N ALA B 241 0.78 27.99 -2.50
CA ALA B 241 -0.52 27.88 -3.15
C ALA B 241 -0.59 28.80 -4.36
N GLU B 242 -1.19 28.28 -5.43
CA GLU B 242 -1.43 29.06 -6.64
C GLU B 242 -2.74 28.61 -7.26
N TYR B 243 -3.43 29.51 -7.96
CA TYR B 243 -4.75 29.22 -8.58
C TYR B 243 -4.73 29.57 -10.06
N ASN B 244 -5.78 29.25 -10.80
CA ASN B 244 -5.86 29.50 -12.27
C ASN B 244 -7.33 29.42 -12.69
N GLY B 245 -7.69 29.96 -13.84
CA GLY B 245 -9.06 29.87 -14.37
C GLY B 245 -10.10 30.63 -13.57
N LEU B 246 -9.96 31.95 -13.41
CA LEU B 246 -10.91 32.79 -12.64
C LEU B 246 -12.29 32.75 -13.29
N ARG B 247 -13.36 32.75 -12.50
CA ARG B 247 -14.75 32.64 -13.00
C ARG B 247 -15.69 33.18 -11.94
N LEU B 248 -17.00 33.11 -12.15
CA LEU B 248 -17.98 33.52 -11.11
C LEU B 248 -17.74 32.61 -9.91
N ALA B 249 -18.16 32.99 -8.71
CA ALA B 249 -17.86 32.23 -7.48
C ALA B 249 -18.83 31.08 -7.29
N GLN B 250 -18.31 29.88 -7.09
CA GLN B 250 -19.14 28.69 -6.81
C GLN B 250 -20.01 29.00 -5.61
N ALA B 251 -21.32 28.86 -5.73
CA ALA B 251 -22.28 29.16 -4.64
C ALA B 251 -21.61 28.90 -3.28
N GLY C 1 12.37 -20.01 -49.45
CA GLY C 1 13.06 -19.03 -48.57
C GLY C 1 14.12 -19.67 -47.70
N LEU C 2 14.41 -19.05 -46.58
CA LEU C 2 15.43 -19.58 -45.66
C LEU C 2 14.92 -20.85 -45.00
N PRO C 3 15.63 -21.98 -45.13
CA PRO C 3 15.16 -23.20 -44.47
C PRO C 3 15.12 -23.02 -42.95
N THR C 4 14.09 -23.58 -42.33
CA THR C 4 13.92 -23.52 -40.88
C THR C 4 13.13 -24.73 -40.43
N MET C 5 13.23 -25.01 -39.13
CA MET C 5 12.55 -26.16 -38.48
C MET C 5 12.03 -25.70 -37.13
N ASN C 6 10.75 -25.91 -36.81
CA ASN C 6 10.19 -25.49 -35.54
C ASN C 6 10.58 -26.47 -34.44
N THR C 7 10.91 -25.93 -33.28
CA THR C 7 11.30 -26.70 -32.11
C THR C 7 10.13 -26.84 -31.16
N PRO C 8 10.21 -27.75 -30.19
CA PRO C 8 9.12 -27.90 -29.23
C PRO C 8 8.87 -26.60 -28.47
N GLY C 9 7.61 -26.34 -28.17
CA GLY C 9 7.20 -25.12 -27.50
C GLY C 9 6.63 -24.06 -28.42
N SER C 10 6.66 -24.27 -29.73
CA SER C 10 6.11 -23.28 -30.66
C SER C 10 4.60 -23.22 -30.52
N THR C 11 4.05 -22.01 -30.70
CA THR C 11 2.62 -21.74 -30.62
C THR C 11 2.05 -21.90 -29.22
N GLN C 12 2.91 -22.01 -28.21
CA GLN C 12 2.45 -22.10 -26.83
C GLN C 12 2.36 -20.70 -26.21
N PHE C 13 1.49 -20.57 -25.22
CA PHE C 13 1.27 -19.32 -24.50
C PHE C 13 1.78 -19.49 -23.07
N LEU C 14 2.94 -18.91 -22.78
CA LEU C 14 3.52 -18.93 -21.44
C LEU C 14 3.29 -17.58 -20.79
N THR C 15 2.65 -17.59 -19.62
CA THR C 15 2.23 -16.34 -18.98
C THR C 15 3.40 -15.49 -18.50
N SER C 16 4.62 -16.03 -18.47
CA SER C 16 5.80 -15.31 -18.01
C SER C 16 6.86 -15.18 -19.09
N ASP C 17 6.42 -15.01 -20.35
CA ASP C 17 7.34 -14.87 -21.47
C ASP C 17 7.64 -13.40 -21.74
N ASP C 18 8.69 -13.16 -22.53
CA ASP C 18 9.12 -11.83 -22.90
C ASP C 18 9.36 -11.80 -24.41
N PHE C 19 8.36 -11.38 -25.17
CA PHE C 19 8.44 -11.32 -26.61
C PHE C 19 7.87 -10.00 -27.11
N GLN C 20 8.35 -9.57 -28.27
CA GLN C 20 7.83 -8.37 -28.91
C GLN C 20 6.55 -8.69 -29.68
N SER C 21 5.64 -7.73 -29.72
CA SER C 21 4.37 -7.89 -30.41
C SER C 21 4.04 -6.60 -31.13
N PRO C 22 3.22 -6.67 -32.19
CA PRO C 22 2.85 -5.44 -32.90
C PRO C 22 2.00 -4.52 -32.05
N CYS C 23 2.10 -3.22 -32.33
CA CYS C 23 1.34 -2.21 -31.64
C CYS C 23 0.02 -1.96 -32.36
N ALA C 24 -1.08 -1.95 -31.61
CA ALA C 24 -2.40 -1.76 -32.19
C ALA C 24 -2.73 -0.30 -32.47
N LEU C 25 -1.95 0.64 -31.94
CA LEU C 25 -2.17 2.07 -32.12
C LEU C 25 -0.86 2.69 -32.59
N PRO C 26 -0.50 2.50 -33.87
CA PRO C 26 0.81 2.99 -34.34
C PRO C 26 0.93 4.50 -34.20
N GLN C 27 2.16 4.94 -33.88
CA GLN C 27 2.48 6.37 -33.79
C GLN C 27 1.57 7.09 -32.80
N PHE C 28 1.27 6.44 -31.69
CA PHE C 28 0.50 7.07 -30.63
C PHE C 28 1.40 7.95 -29.78
N ASP C 29 0.90 9.12 -29.41
CA ASP C 29 1.65 10.09 -28.61
C ASP C 29 1.21 9.96 -27.16
N VAL C 30 2.13 9.55 -26.30
CA VAL C 30 1.81 9.37 -24.88
C VAL C 30 1.93 10.69 -24.15
N THR C 31 1.20 10.80 -23.05
CA THR C 31 1.23 12.02 -22.25
C THR C 31 2.62 12.19 -21.63
N PRO C 32 3.14 13.42 -21.56
CA PRO C 32 4.46 13.62 -20.95
C PRO C 32 4.49 13.14 -19.51
N SER C 33 5.64 12.59 -19.12
CA SER C 33 5.81 12.06 -17.78
C SER C 33 5.93 13.19 -16.76
N MET C 34 5.48 12.90 -15.54
CA MET C 34 5.58 13.85 -14.43
C MET C 34 6.06 13.10 -13.20
N ASN C 35 6.97 13.73 -12.44
CA ASN C 35 7.60 13.08 -11.29
C ASN C 35 6.70 13.26 -10.08
N ILE C 36 5.75 12.35 -9.92
CA ILE C 36 4.89 12.37 -8.72
C ILE C 36 5.71 11.97 -7.51
N PRO C 37 5.52 12.59 -6.35
CA PRO C 37 6.31 12.20 -5.18
C PRO C 37 5.98 10.79 -4.73
N GLY C 38 6.98 10.11 -4.16
CA GLY C 38 6.79 8.81 -3.56
C GLY C 38 6.84 7.66 -4.55
N GLU C 39 7.85 7.65 -5.42
CA GLU C 39 8.01 6.54 -6.35
C GLU C 39 8.61 5.33 -5.65
N VAL C 40 8.04 4.16 -5.93
CA VAL C 40 8.50 2.90 -5.35
C VAL C 40 9.03 2.04 -6.49
N LYS C 41 10.25 1.53 -6.31
CA LYS C 41 10.91 0.72 -7.33
C LYS C 41 11.13 -0.73 -6.91
N ASN C 42 10.78 -1.09 -5.68
CA ASN C 42 11.00 -2.44 -5.19
C ASN C 42 10.10 -2.68 -3.98
N LEU C 43 9.44 -3.84 -3.98
CA LEU C 43 8.54 -4.18 -2.88
C LEU C 43 9.27 -4.26 -1.55
N MET C 44 10.59 -4.46 -1.58
CA MET C 44 11.34 -4.52 -0.32
C MET C 44 11.29 -3.21 0.41
N GLU C 45 11.24 -2.09 -0.32
CA GLU C 45 11.13 -0.79 0.33
C GLU C 45 9.88 -0.71 1.18
N ILE C 46 8.75 -1.20 0.65
CA ILE C 46 7.54 -1.31 1.45
C ILE C 46 7.77 -2.28 2.61
N ALA C 47 8.44 -3.40 2.33
CA ALA C 47 8.64 -4.41 3.37
C ALA C 47 9.44 -3.91 4.55
N GLU C 48 10.28 -2.88 4.36
CA GLU C 48 11.14 -2.39 5.43
C GLU C 48 10.43 -1.41 6.36
N VAL C 49 9.18 -1.08 6.12
CA VAL C 49 8.45 -0.12 6.94
C VAL C 49 7.80 -0.84 8.12
N ASP C 50 7.78 -0.18 9.27
CA ASP C 50 7.23 -0.78 10.47
C ASP C 50 5.71 -0.89 10.37
N SER C 51 5.15 -1.80 11.15
CA SER C 51 3.70 -1.97 11.24
C SER C 51 3.37 -2.60 12.58
N VAL C 52 2.17 -2.28 13.08
CA VAL C 52 1.76 -2.76 14.39
C VAL C 52 1.40 -4.24 14.29
N VAL C 53 1.85 -5.02 15.27
CA VAL C 53 1.66 -6.46 15.28
C VAL C 53 0.55 -6.79 16.27
N PRO C 54 -0.51 -7.49 15.87
CA PRO C 54 -1.58 -7.87 16.83
C PRO C 54 -1.23 -9.08 17.67
N VAL C 55 -0.49 -8.83 18.75
CA VAL C 55 0.02 -9.93 19.58
C VAL C 55 -1.05 -10.48 20.51
N ASN C 56 -2.03 -9.66 20.89
CA ASN C 56 -3.00 -10.05 21.92
C ASN C 56 -4.21 -10.72 21.26
N ASN C 57 -3.98 -11.92 20.74
CA ASN C 57 -5.04 -12.74 20.15
C ASN C 57 -5.47 -13.80 21.16
N VAL C 58 -6.32 -13.39 22.09
CA VAL C 58 -6.68 -14.21 23.25
C VAL C 58 -8.00 -14.94 23.04
N GLN C 59 -8.54 -14.93 21.82
CA GLN C 59 -9.75 -15.69 21.50
C GLN C 59 -10.97 -15.16 22.24
N ASP C 60 -10.81 -14.08 23.01
CA ASP C 60 -11.91 -13.49 23.77
C ASP C 60 -11.92 -11.97 23.61
N THR C 61 -11.41 -11.48 22.48
CA THR C 61 -11.33 -10.05 22.24
C THR C 61 -12.66 -9.57 21.65
N THR C 62 -13.56 -9.11 22.51
CA THR C 62 -14.81 -8.54 22.03
C THR C 62 -14.57 -7.22 21.29
N ASP C 63 -13.50 -6.51 21.61
CA ASP C 63 -13.09 -5.30 20.90
C ASP C 63 -11.85 -5.62 20.08
N GLN C 64 -11.93 -5.37 18.78
CA GLN C 64 -10.83 -5.74 17.89
C GLN C 64 -9.56 -4.97 18.23
N MET C 65 -9.68 -3.68 18.57
CA MET C 65 -8.50 -2.86 18.84
C MET C 65 -7.70 -3.39 20.02
N GLU C 66 -8.31 -4.19 20.89
CA GLU C 66 -7.58 -4.75 22.02
C GLU C 66 -6.46 -5.67 21.59
N MET C 67 -6.49 -6.15 20.34
CA MET C 67 -5.47 -7.10 19.89
C MET C 67 -4.08 -6.46 19.84
N PHE C 68 -4.01 -5.14 19.78
CA PHE C 68 -2.74 -4.45 19.58
C PHE C 68 -2.03 -4.10 20.88
N ARG C 69 -2.65 -4.36 22.03
CA ARG C 69 -2.13 -3.91 23.32
C ARG C 69 -1.76 -5.12 24.18
N ILE C 70 -0.56 -5.10 24.75
CA ILE C 70 -0.07 -6.15 25.62
C ILE C 70 -0.23 -5.69 27.06
N PRO C 71 -1.06 -6.34 27.87
CA PRO C 71 -1.31 -5.84 29.23
C PRO C 71 -0.09 -5.95 30.12
N VAL C 72 -0.04 -5.06 31.11
CA VAL C 72 1.01 -5.06 32.12
C VAL C 72 0.40 -4.59 33.43
N THR C 73 0.96 -5.03 34.56
CA THR C 73 0.37 -4.68 35.88
C THR C 73 1.45 -4.46 36.93
N ILE C 74 1.05 -3.89 38.06
CA ILE C 74 1.96 -3.66 39.21
C ILE C 74 1.85 -4.89 40.10
N ASN C 75 2.81 -5.14 40.97
CA ASN C 75 2.79 -6.29 41.90
C ASN C 75 2.69 -7.57 41.07
N ALA C 76 3.54 -7.73 40.06
CA ALA C 76 3.55 -8.91 39.19
C ALA C 76 4.33 -10.03 39.88
N PRO C 77 3.83 -11.29 39.95
CA PRO C 77 4.62 -12.37 40.50
C PRO C 77 6.01 -12.29 39.88
N LEU C 78 7.07 -12.47 40.65
CA LEU C 78 8.46 -12.28 40.15
C LEU C 78 8.77 -13.23 38.98
N GLN C 79 9.50 -12.75 37.96
CA GLN C 79 9.91 -13.55 36.77
C GLN C 79 8.70 -14.14 36.05
N GLN C 80 7.72 -13.33 35.65
CA GLN C 80 6.51 -13.81 34.93
C GLN C 80 6.70 -13.63 33.44
N GLN C 81 5.99 -14.35 32.57
CA GLN C 81 6.04 -14.17 31.13
C GLN C 81 5.05 -13.09 30.71
N VAL C 82 5.51 -12.19 29.84
CA VAL C 82 4.64 -11.15 29.29
C VAL C 82 3.92 -11.64 28.05
N PHE C 83 4.64 -12.26 27.13
CA PHE C 83 4.02 -12.83 25.94
C PHE C 83 4.96 -13.85 25.33
N GLY C 84 4.42 -14.68 24.46
CA GLY C 84 5.21 -15.67 23.74
C GLY C 84 4.57 -15.97 22.41
N LEU C 85 5.41 -16.07 21.38
CA LEU C 85 4.92 -16.28 20.02
C LEU C 85 5.95 -17.06 19.22
N ARG C 86 5.48 -17.73 18.18
CA ARG C 86 6.33 -18.52 17.26
C ARG C 86 6.78 -17.59 16.14
N LEU C 87 7.99 -17.75 15.63
CA LEU C 87 8.57 -16.90 14.60
C LEU C 87 8.31 -17.52 13.23
N GLN C 88 7.10 -17.31 12.73
CA GLN C 88 6.71 -17.69 11.37
C GLN C 88 6.11 -16.46 10.71
N PRO C 89 6.93 -15.58 10.14
CA PRO C 89 6.39 -14.31 9.65
C PRO C 89 5.28 -14.46 8.62
N GLY C 90 5.32 -15.50 7.80
CA GLY C 90 4.36 -15.71 6.75
C GLY C 90 3.26 -16.70 7.04
N LEU C 91 3.30 -17.40 8.17
CA LEU C 91 2.33 -18.45 8.46
C LEU C 91 1.61 -18.22 9.78
N ASP C 92 2.34 -17.78 10.80
CA ASP C 92 1.72 -17.56 12.10
C ASP C 92 0.68 -16.46 12.01
N SER C 93 -0.43 -16.63 12.74
CA SER C 93 -1.51 -15.67 12.68
C SER C 93 -1.06 -14.28 13.12
N VAL C 94 -0.07 -14.20 14.01
CA VAL C 94 0.37 -12.91 14.52
C VAL C 94 0.95 -12.06 13.39
N PHE C 95 1.83 -12.64 12.58
CA PHE C 95 2.48 -11.93 11.49
C PHE C 95 1.79 -12.12 10.16
N LYS C 96 0.67 -12.84 10.11
CA LYS C 96 0.05 -13.19 8.84
C LYS C 96 -0.38 -11.94 8.07
N HIS C 97 -1.12 -11.05 8.73
CA HIS C 97 -1.75 -9.91 8.07
C HIS C 97 -0.98 -8.62 8.25
N THR C 98 0.24 -8.67 8.79
CA THR C 98 1.03 -7.47 8.93
C THR C 98 1.54 -6.99 7.57
N LEU C 99 2.04 -5.76 7.55
CA LEU C 99 2.56 -5.18 6.32
C LEU C 99 3.70 -6.01 5.74
N LEU C 100 4.39 -6.80 6.57
CA LEU C 100 5.46 -7.68 6.12
C LEU C 100 4.92 -9.05 5.69
N GLY C 101 4.01 -9.61 6.49
CA GLY C 101 3.45 -10.91 6.14
C GLY C 101 2.69 -10.87 4.82
N GLU C 102 2.00 -9.75 4.55
CA GLU C 102 1.30 -9.62 3.28
C GLU C 102 2.28 -9.71 2.11
N ILE C 103 3.44 -9.05 2.23
CA ILE C 103 4.43 -9.09 1.17
C ILE C 103 4.99 -10.49 1.02
N LEU C 104 5.36 -11.13 2.14
CA LEU C 104 5.92 -12.48 2.05
C LEU C 104 4.92 -13.47 1.48
N ASN C 105 3.63 -13.27 1.70
CA ASN C 105 2.64 -14.23 1.22
C ASN C 105 2.55 -14.29 -0.29
N TYR C 106 3.15 -13.33 -1.00
CA TYR C 106 3.23 -13.38 -2.46
C TYR C 106 4.46 -14.13 -2.94
N TYR C 107 5.25 -14.70 -2.05
CA TYR C 107 6.48 -15.40 -2.39
C TYR C 107 6.52 -16.74 -1.68
N ALA C 108 7.53 -17.53 -2.01
CA ALA C 108 7.70 -18.86 -1.42
C ALA C 108 8.92 -18.98 -0.53
N HIS C 109 10.02 -18.31 -0.87
CA HIS C 109 11.25 -18.35 -0.09
C HIS C 109 11.56 -16.97 0.46
N TRP C 110 12.18 -16.96 1.64
CA TRP C 110 12.60 -15.71 2.27
C TRP C 110 13.86 -15.96 3.08
N SER C 111 14.61 -14.90 3.31
CA SER C 111 15.84 -14.98 4.09
C SER C 111 16.18 -13.58 4.61
N GLY C 112 17.01 -13.55 5.63
CA GLY C 112 17.47 -12.31 6.23
C GLY C 112 17.01 -12.18 7.67
N SER C 113 17.44 -11.08 8.29
CA SER C 113 17.12 -10.80 9.68
C SER C 113 15.85 -9.96 9.78
N MET C 114 15.32 -9.87 11.00
CA MET C 114 14.09 -9.14 11.28
C MET C 114 14.31 -8.23 12.47
N LYS C 115 13.48 -7.18 12.53
CA LYS C 115 13.53 -6.21 13.62
C LYS C 115 12.18 -6.20 14.34
N LEU C 116 12.23 -6.28 15.67
CA LEU C 116 11.06 -6.13 16.51
C LEU C 116 11.29 -4.95 17.44
N THR C 117 10.42 -3.95 17.35
CA THR C 117 10.54 -2.73 18.14
C THR C 117 9.36 -2.66 19.11
N PHE C 118 9.67 -2.44 20.39
CA PHE C 118 8.67 -2.36 21.44
C PHE C 118 8.65 -0.95 22.02
N VAL C 119 7.45 -0.41 22.20
CA VAL C 119 7.26 0.94 22.72
C VAL C 119 6.37 0.86 23.95
N PHE C 120 6.78 1.55 25.01
CA PHE C 120 6.03 1.58 26.26
C PHE C 120 5.09 2.78 26.24
N CYS C 121 3.79 2.52 26.44
CA CYS C 121 2.76 3.53 26.37
C CYS C 121 2.09 3.74 27.73
N GLY C 122 2.88 3.65 28.79
CA GLY C 122 2.40 3.88 30.14
C GLY C 122 2.53 5.33 30.54
N SER C 123 2.42 5.58 31.85
CA SER C 123 2.57 6.92 32.37
C SER C 123 4.05 7.33 32.36
N ALA C 124 4.27 8.63 32.40
CA ALA C 124 5.63 9.16 32.39
C ALA C 124 6.36 8.82 33.69
N MET C 125 5.64 8.72 34.80
CA MET C 125 6.23 8.41 36.09
C MET C 125 6.47 6.92 36.31
N ALA C 126 5.91 6.07 35.46
CA ALA C 126 6.11 4.63 35.60
C ALA C 126 7.51 4.24 35.16
N THR C 127 7.99 3.12 35.70
CA THR C 127 9.31 2.62 35.37
C THR C 127 9.30 1.09 35.45
N GLY C 128 10.27 0.48 34.77
CA GLY C 128 10.38 -0.96 34.78
C GLY C 128 11.45 -1.43 33.84
N LYS C 129 11.76 -2.71 33.93
CA LYS C 129 12.74 -3.37 33.08
C LYS C 129 12.15 -4.68 32.57
N PHE C 130 12.47 -5.01 31.32
CA PHE C 130 11.96 -6.22 30.69
C PHE C 130 13.09 -6.94 29.97
N LEU C 131 12.98 -8.27 29.92
CA LEU C 131 13.92 -9.11 29.20
C LEU C 131 13.22 -9.72 27.99
N ILE C 132 13.78 -9.48 26.81
CA ILE C 132 13.24 -10.01 25.56
C ILE C 132 14.30 -10.91 24.96
N ALA C 133 13.94 -12.15 24.68
CA ALA C 133 14.89 -13.16 24.23
C ALA C 133 14.36 -13.87 22.99
N TYR C 134 15.28 -14.27 22.12
CA TYR C 134 14.98 -15.05 20.93
C TYR C 134 15.64 -16.41 21.07
N SER C 135 14.84 -17.46 20.96
CA SER C 135 15.34 -18.83 21.12
C SER C 135 15.40 -19.51 19.76
N PRO C 136 16.57 -19.89 19.26
CA PRO C 136 16.64 -20.59 17.98
C PRO C 136 15.85 -21.89 18.02
N PRO C 137 15.70 -22.56 16.89
CA PRO C 137 14.88 -23.79 16.87
C PRO C 137 15.40 -24.83 17.84
N GLY C 138 14.48 -25.56 18.45
CA GLY C 138 14.85 -26.59 19.41
C GLY C 138 13.68 -27.53 19.65
N ALA C 139 13.94 -28.55 20.45
CA ALA C 139 12.92 -29.55 20.75
C ALA C 139 11.85 -29.04 21.70
N ASN C 140 12.12 -27.96 22.44
CA ASN C 140 11.17 -27.45 23.42
C ASN C 140 11.35 -25.94 23.54
N PRO C 141 10.25 -25.17 23.56
CA PRO C 141 10.38 -23.74 23.81
C PRO C 141 10.68 -23.48 25.27
N PRO C 142 11.24 -22.31 25.60
CA PRO C 142 11.52 -22.01 27.01
C PRO C 142 10.25 -21.91 27.83
N LYS C 143 10.33 -22.24 29.12
CA LYS C 143 9.16 -22.16 30.02
C LYS C 143 9.47 -21.25 31.21
N THR C 144 10.73 -20.82 31.40
CA THR C 144 11.05 -19.90 32.49
C THR C 144 12.11 -18.91 32.01
N ARG C 145 12.28 -17.84 32.78
CA ARG C 145 13.24 -16.81 32.42
C ARG C 145 14.67 -17.36 32.39
N LYS C 146 14.96 -18.31 33.27
CA LYS C 146 16.31 -18.95 33.32
C LYS C 146 16.57 -19.66 32.01
N ASP C 147 15.58 -20.37 31.46
CA ASP C 147 15.72 -21.00 30.16
C ASP C 147 15.81 -19.97 29.05
N ALA C 148 15.00 -18.91 29.13
CA ALA C 148 14.95 -17.93 28.05
C ALA C 148 16.26 -17.18 27.91
N MET C 149 16.87 -16.80 29.03
CA MET C 149 18.09 -15.95 29.06
C MET C 149 19.24 -16.61 28.31
N LEU C 150 19.24 -17.93 28.17
CA LEU C 150 20.38 -18.62 27.58
C LEU C 150 20.56 -18.26 26.10
N GLY C 151 19.48 -17.92 25.40
CA GLY C 151 19.57 -17.52 24.02
C GLY C 151 19.82 -16.03 23.86
N THR C 152 19.80 -15.59 22.61
CA THR C 152 19.98 -14.17 22.32
C THR C 152 18.88 -13.36 22.99
N HIS C 153 19.27 -12.29 23.67
CA HIS C 153 18.32 -11.48 24.41
C HIS C 153 18.91 -10.10 24.65
N ILE C 154 18.05 -9.17 25.05
CA ILE C 154 18.44 -7.81 25.37
C ILE C 154 17.66 -7.36 26.59
N ILE C 155 18.32 -6.64 27.49
CA ILE C 155 17.68 -6.08 28.67
C ILE C 155 17.20 -4.68 28.33
N TRP C 156 15.90 -4.44 28.48
CA TRP C 156 15.28 -3.18 28.09
C TRP C 156 15.00 -2.36 29.34
N ASP C 157 15.50 -1.12 29.36
CA ASP C 157 15.29 -0.18 30.45
C ASP C 157 14.37 0.93 29.96
N ILE C 158 13.28 1.17 30.69
CA ILE C 158 12.30 2.17 30.31
C ILE C 158 12.71 3.52 30.91
N GLY C 159 12.85 4.52 30.05
CA GLY C 159 13.22 5.85 30.50
C GLY C 159 12.73 6.92 29.55
N LEU C 160 13.58 7.93 29.27
CA LEU C 160 13.19 8.96 28.32
C LEU C 160 12.99 8.38 26.93
N GLN C 161 13.87 7.46 26.52
CA GLN C 161 13.71 6.76 25.25
C GLN C 161 12.65 5.67 25.45
N SER C 162 11.51 5.82 24.79
CA SER C 162 10.37 4.95 25.02
C SER C 162 10.37 3.70 24.15
N SER C 163 11.36 3.53 23.27
CA SER C 163 11.38 2.42 22.33
C SER C 163 12.72 1.69 22.39
N CYS C 164 12.66 0.38 22.26
CA CYS C 164 13.83 -0.48 22.17
C CYS C 164 13.64 -1.45 21.01
N VAL C 165 14.75 -1.86 20.40
CA VAL C 165 14.72 -2.69 19.20
C VAL C 165 15.43 -4.00 19.50
N LEU C 166 14.77 -5.11 19.18
CA LEU C 166 15.37 -6.43 19.24
C LEU C 166 15.61 -6.90 17.81
N CYS C 167 16.88 -7.02 17.43
CA CYS C 167 17.26 -7.48 16.08
C CYS C 167 17.38 -9.00 16.13
N VAL C 168 16.53 -9.72 15.40
CA VAL C 168 16.56 -11.17 15.34
C VAL C 168 17.60 -11.57 14.27
N PRO C 169 18.70 -12.22 14.64
CA PRO C 169 19.70 -12.59 13.64
C PRO C 169 19.22 -13.73 12.76
N TRP C 170 19.83 -13.83 11.58
CA TRP C 170 19.52 -14.89 10.63
C TRP C 170 20.41 -16.09 10.95
N ILE C 171 19.86 -17.04 11.71
CA ILE C 171 20.56 -18.27 12.07
C ILE C 171 19.76 -19.42 11.46
N SER C 172 20.32 -20.04 10.42
CA SER C 172 19.64 -21.13 9.72
C SER C 172 20.68 -22.01 9.04
N GLN C 173 20.29 -23.27 8.83
CA GLN C 173 21.15 -24.21 8.13
C GLN C 173 21.09 -24.04 6.62
N THR C 174 20.03 -23.42 6.11
CA THR C 174 19.84 -23.20 4.68
C THR C 174 19.88 -21.72 4.36
N HIS C 175 20.25 -21.40 3.12
CA HIS C 175 20.30 -20.00 2.69
C HIS C 175 18.92 -19.37 2.68
N TYR C 176 17.86 -20.17 2.57
CA TYR C 176 16.51 -19.68 2.48
C TYR C 176 15.57 -20.53 3.33
N ARG C 177 14.42 -19.97 3.64
CA ARG C 177 13.37 -20.67 4.38
C ARG C 177 12.06 -20.55 3.63
N LEU C 178 11.22 -21.57 3.80
CA LEU C 178 9.91 -21.59 3.13
C LEU C 178 8.93 -20.69 3.87
N VAL C 179 8.13 -19.95 3.09
CA VAL C 179 7.06 -19.16 3.69
C VAL C 179 6.06 -20.07 4.39
N GLN C 180 5.71 -21.18 3.74
CA GLN C 180 4.88 -22.23 4.36
C GLN C 180 5.79 -23.09 5.24
N GLN C 181 6.18 -22.50 6.37
CA GLN C 181 7.19 -23.12 7.22
C GLN C 181 6.70 -24.45 7.78
N ASP C 182 7.64 -25.34 8.05
CA ASP C 182 7.38 -26.66 8.60
C ASP C 182 8.41 -26.97 9.68
N GLU C 183 8.39 -28.22 10.15
CA GLU C 183 9.34 -28.64 11.18
C GLU C 183 10.77 -28.55 10.69
N TYR C 184 11.03 -28.91 9.43
CA TYR C 184 12.38 -28.88 8.91
C TYR C 184 12.95 -27.46 8.90
N THR C 185 12.12 -26.48 8.55
CA THR C 185 12.55 -25.09 8.40
C THR C 185 12.02 -24.20 9.53
N SER C 186 11.74 -24.79 10.68
CA SER C 186 11.37 -23.99 11.85
C SER C 186 12.40 -22.90 12.10
N ALA C 187 11.97 -21.85 12.80
CA ALA C 187 12.80 -20.67 13.01
C ALA C 187 13.03 -20.30 14.47
N GLY C 188 12.27 -20.85 15.41
CA GLY C 188 12.46 -20.57 16.81
C GLY C 188 11.26 -19.88 17.44
N TYR C 189 11.53 -19.22 18.57
CA TYR C 189 10.50 -18.56 19.35
C TYR C 189 11.02 -17.24 19.89
N VAL C 190 10.09 -16.37 20.27
CA VAL C 190 10.39 -15.09 20.89
C VAL C 190 9.50 -14.93 22.11
N THR C 191 10.08 -14.52 23.23
CA THR C 191 9.36 -14.37 24.49
C THR C 191 9.86 -13.15 25.23
N CYS C 192 9.02 -12.63 26.12
CA CYS C 192 9.35 -11.49 26.96
C CYS C 192 9.01 -11.81 28.40
N TRP C 193 9.88 -11.40 29.32
CA TRP C 193 9.73 -11.69 30.74
C TRP C 193 10.00 -10.44 31.56
N TYR C 194 9.39 -10.40 32.74
CA TYR C 194 9.66 -9.32 33.69
C TYR C 194 11.09 -9.43 34.20
N GLN C 195 11.82 -8.32 34.15
CA GLN C 195 13.19 -8.29 34.66
C GLN C 195 13.25 -7.75 36.08
N THR C 196 12.54 -6.66 36.36
CA THR C 196 12.52 -6.07 37.70
C THR C 196 11.08 -5.85 38.16
N GLY C 197 10.18 -5.62 37.23
CA GLY C 197 8.80 -5.31 37.54
C GLY C 197 8.50 -3.83 37.35
N MET C 198 7.21 -3.53 37.24
CA MET C 198 6.75 -2.16 37.01
C MET C 198 6.34 -1.53 38.34
N ILE C 199 6.88 -0.34 38.61
CA ILE C 199 6.61 0.40 39.84
C ILE C 199 6.05 1.76 39.47
N VAL C 200 4.98 2.16 40.15
CA VAL C 200 4.31 3.42 39.86
C VAL C 200 4.12 4.21 41.15
N PRO C 201 4.10 5.54 41.12
CA PRO C 201 3.85 6.32 42.32
C PRO C 201 2.36 6.47 42.58
N PRO C 202 1.97 7.10 43.68
CA PRO C 202 0.53 7.28 43.95
C PRO C 202 -0.12 8.14 42.89
N GLY C 203 -1.41 7.90 42.68
CA GLY C 203 -2.19 8.70 41.74
C GLY C 203 -1.91 8.40 40.28
N THR C 204 -1.61 7.15 39.94
CA THR C 204 -1.38 6.73 38.57
C THR C 204 -2.17 5.46 38.29
N PRO C 205 -2.48 5.19 37.03
CA PRO C 205 -3.20 3.95 36.69
C PRO C 205 -2.38 2.73 37.08
N ASN C 206 -3.09 1.66 37.46
CA ASN C 206 -2.45 0.42 37.90
C ASN C 206 -2.09 -0.50 36.73
N SER C 207 -2.42 -0.14 35.50
CA SER C 207 -2.16 -0.97 34.33
C SER C 207 -1.60 -0.11 33.21
N SER C 208 -0.84 -0.76 32.32
CA SER C 208 -0.26 -0.11 31.17
C SER C 208 -0.30 -1.08 29.99
N SER C 209 0.15 -0.60 28.83
CA SER C 209 0.13 -1.39 27.61
C SER C 209 1.43 -1.19 26.84
N ILE C 210 1.75 -2.19 26.01
CA ILE C 210 2.93 -2.14 25.15
C ILE C 210 2.50 -2.52 23.75
N MET C 211 3.24 -2.01 22.75
CA MET C 211 2.98 -2.29 21.35
C MET C 211 4.27 -2.75 20.69
N CYS C 212 4.11 -3.60 19.67
CA CYS C 212 5.23 -4.19 18.95
C CYS C 212 5.16 -3.82 17.48
N PHE C 213 6.31 -3.52 16.89
CA PHE C 213 6.43 -3.18 15.49
C PHE C 213 7.39 -4.15 14.82
N ALA C 214 7.02 -4.61 13.62
CA ALA C 214 7.78 -5.60 12.88
C ALA C 214 8.21 -5.04 11.53
N SER C 215 9.45 -5.32 11.15
CA SER C 215 9.99 -4.87 9.87
C SER C 215 11.20 -5.72 9.53
N ALA C 216 11.69 -5.55 8.31
CA ALA C 216 12.82 -6.32 7.81
C ALA C 216 14.08 -5.47 7.77
N CYS C 217 15.23 -6.13 7.89
CA CYS C 217 16.51 -5.45 7.83
C CYS C 217 16.90 -5.20 6.38
N ASN C 218 18.12 -4.67 6.18
CA ASN C 218 18.60 -4.37 4.85
C ASN C 218 19.16 -5.58 4.12
N ASP C 219 19.26 -6.73 4.78
CA ASP C 219 19.73 -7.97 4.16
C ASP C 219 18.59 -8.93 3.84
N PHE C 220 17.34 -8.49 3.97
CA PHE C 220 16.20 -9.35 3.70
C PHE C 220 15.99 -9.49 2.19
N SER C 221 15.32 -10.58 1.81
CA SER C 221 15.03 -10.83 0.40
C SER C 221 13.96 -11.91 0.30
N VAL C 222 13.36 -11.99 -0.89
CA VAL C 222 12.30 -12.95 -1.19
C VAL C 222 12.57 -13.55 -2.57
N ARG C 223 11.76 -14.55 -2.93
CA ARG C 223 12.02 -15.32 -4.14
C ARG C 223 10.78 -16.11 -4.52
N MET C 224 10.74 -16.62 -5.75
CA MET C 224 9.64 -17.48 -6.26
C MET C 224 8.28 -16.82 -6.08
N LEU C 225 7.88 -15.99 -7.04
CA LEU C 225 6.57 -15.29 -6.98
C LEU C 225 5.45 -16.31 -7.07
N ARG C 226 4.61 -16.42 -6.04
CA ARG C 226 3.43 -17.32 -6.02
C ARG C 226 2.19 -16.46 -5.85
N ASP C 227 1.01 -17.06 -5.91
CA ASP C 227 -0.28 -16.32 -5.75
C ASP C 227 -0.72 -16.45 -4.29
N THR C 228 -1.16 -15.36 -3.67
CA THR C 228 -1.51 -15.34 -2.26
C THR C 228 -2.80 -16.12 -2.03
N PRO C 229 -2.93 -16.81 -0.89
CA PRO C 229 -4.16 -17.56 -0.60
C PRO C 229 -5.21 -16.81 0.21
N PHE C 230 -4.96 -15.54 0.56
CA PHE C 230 -5.87 -14.81 1.45
C PHE C 230 -7.12 -14.30 0.74
N ILE C 231 -7.11 -14.23 -0.57
CA ILE C 231 -8.20 -13.61 -1.34
C ILE C 231 -8.75 -14.64 -2.31
N SER C 232 -10.08 -14.73 -2.37
CA SER C 232 -10.74 -15.68 -3.26
C SER C 232 -12.14 -15.16 -3.57
N GLN C 233 -12.71 -15.67 -4.66
CA GLN C 233 -14.05 -15.30 -5.09
C GLN C 233 -14.80 -16.54 -5.55
N ASP C 234 -16.12 -16.47 -5.47
CA ASP C 234 -16.98 -17.57 -5.89
C ASP C 234 -17.72 -17.29 -7.19
N ASN C 235 -18.02 -16.03 -7.49
CA ASN C 235 -18.70 -15.67 -8.73
C ASN C 235 -18.09 -14.39 -9.27
N LYS C 236 -18.30 -14.16 -10.56
CA LYS C 236 -17.78 -12.96 -11.22
C LYS C 236 -18.37 -11.72 -10.57
N LEU C 237 -17.53 -10.74 -10.28
CA LEU C 237 -17.99 -9.51 -9.65
C LEU C 237 -18.79 -8.68 -10.65
N GLY D 1 22.63 -2.45 -35.35
CA GLY D 1 21.72 -1.99 -34.32
C GLY D 1 21.29 -3.11 -33.39
N ALA D 2 22.24 -3.91 -32.94
CA ALA D 2 21.99 -5.04 -32.05
C ALA D 2 22.65 -4.77 -30.71
N GLN D 3 21.89 -5.01 -29.63
CA GLN D 3 22.37 -4.72 -28.25
C GLN D 3 22.81 -6.03 -27.60
N VAL D 4 24.01 -6.06 -27.06
CA VAL D 4 24.58 -7.22 -26.38
C VAL D 4 24.74 -6.88 -24.91
N SER D 5 24.18 -7.73 -24.04
CA SER D 5 24.22 -7.48 -22.61
C SER D 5 24.27 -8.82 -21.88
N THR D 6 24.73 -8.78 -20.64
CA THR D 6 24.86 -9.99 -19.85
C THR D 6 23.49 -10.47 -19.38
N GLN D 7 23.39 -11.77 -19.14
CA GLN D 7 22.17 -12.39 -18.64
C GLN D 7 22.41 -12.90 -17.22
N LYS D 8 21.32 -13.04 -16.45
CA LYS D 8 21.38 -13.46 -15.02
C LYS D 8 22.08 -14.80 -14.87
N THR D 9 22.86 -14.96 -13.80
CA THR D 9 23.61 -16.21 -13.51
C THR D 9 23.89 -16.27 -12.02
N GLY D 10 24.69 -17.24 -11.55
CA GLY D 10 24.96 -17.43 -10.11
C GLY D 10 26.21 -16.69 -9.63
N ALA D 11 26.74 -17.04 -8.46
CA ALA D 11 27.90 -16.35 -7.84
C ALA D 11 29.22 -16.83 -8.42
N HIS D 12 29.48 -18.14 -8.44
CA HIS D 12 30.79 -18.70 -8.88
C HIS D 12 30.59 -19.74 -9.99
N GLU D 13 29.59 -19.54 -10.85
CA GLU D 13 29.30 -20.47 -11.99
C GLU D 13 28.30 -19.78 -12.93
N ILE D 23 28.10 -18.11 -22.74
CA ILE D 23 29.06 -17.03 -22.58
C ILE D 23 28.38 -15.87 -21.82
N ILE D 24 27.31 -16.21 -21.09
CA ILE D 24 26.54 -15.25 -20.30
C ILE D 24 26.32 -13.96 -21.08
N HIS D 25 26.04 -14.09 -22.37
CA HIS D 25 25.71 -12.96 -23.23
C HIS D 25 24.54 -13.31 -24.12
N TYR D 26 23.69 -12.34 -24.41
CA TYR D 26 22.55 -12.53 -25.29
C TYR D 26 22.38 -11.29 -26.17
N THR D 27 21.80 -11.49 -27.34
CA THR D 27 21.63 -10.43 -28.33
C THR D 27 20.14 -10.12 -28.49
N ASN D 28 19.84 -8.83 -28.65
CA ASN D 28 18.47 -8.37 -28.81
C ASN D 28 18.40 -7.38 -29.96
N ILE D 29 17.32 -7.44 -30.73
CA ILE D 29 17.08 -6.53 -31.84
C ILE D 29 15.61 -6.16 -31.85
N ASN D 30 15.31 -4.90 -32.14
CA ASN D 30 13.95 -4.40 -32.20
C ASN D 30 13.45 -4.41 -33.64
N TYR D 31 12.26 -4.97 -33.85
CA TYR D 31 11.69 -5.12 -35.18
C TYR D 31 10.58 -4.13 -35.48
N TYR D 32 10.00 -3.47 -34.48
CA TYR D 32 8.87 -2.59 -34.66
C TYR D 32 9.27 -1.14 -34.39
N LYS D 33 8.48 -0.23 -34.94
CA LYS D 33 8.78 1.22 -34.91
C LYS D 33 8.20 1.88 -33.67
N ASP D 34 7.47 1.13 -32.84
CA ASP D 34 6.86 1.67 -31.63
C ASP D 34 7.57 1.10 -30.41
N ALA D 35 8.00 2.00 -29.51
CA ALA D 35 8.70 1.57 -28.31
C ALA D 35 7.82 0.70 -27.42
N ALA D 36 6.49 0.81 -27.55
CA ALA D 36 5.60 -0.03 -26.75
C ALA D 36 5.70 -1.50 -27.12
N SER D 37 6.26 -1.82 -28.29
CA SER D 37 6.38 -3.21 -28.72
C SER D 37 7.62 -3.89 -28.17
N ASN D 38 8.52 -3.15 -27.52
CA ASN D 38 9.73 -3.75 -26.98
C ASN D 38 9.40 -4.70 -25.83
N SER D 39 10.37 -5.55 -25.50
CA SER D 39 10.21 -6.49 -24.40
C SER D 39 10.42 -5.80 -23.07
N ALA D 40 9.99 -6.45 -22.01
CA ALA D 40 10.09 -5.88 -20.67
C ALA D 40 11.53 -5.62 -20.30
N ASN D 41 11.78 -4.46 -19.70
CA ASN D 41 13.12 -4.07 -19.25
C ASN D 41 13.31 -4.41 -17.77
N ARG D 42 13.28 -5.71 -17.49
CA ARG D 42 13.32 -6.23 -16.12
C ARG D 42 14.74 -6.43 -15.61
N GLN D 43 15.72 -5.69 -16.14
CA GLN D 43 17.11 -5.82 -15.75
C GLN D 43 17.59 -4.65 -14.88
N ASP D 44 16.68 -3.83 -14.37
CA ASP D 44 17.03 -2.71 -13.51
C ASP D 44 16.85 -3.13 -12.05
N PHE D 45 17.86 -2.83 -11.23
CA PHE D 45 17.88 -3.29 -9.85
C PHE D 45 18.25 -2.16 -8.88
N THR D 46 17.92 -0.93 -9.24
CA THR D 46 18.17 0.20 -8.35
C THR D 46 16.99 0.40 -7.41
N GLN D 47 17.30 0.67 -6.14
CA GLN D 47 16.24 0.87 -5.12
C GLN D 47 16.77 1.83 -4.05
N ASP D 48 15.88 2.53 -3.36
CA ASP D 48 16.23 3.49 -2.31
C ASP D 48 15.06 3.56 -1.33
N PRO D 49 15.18 2.91 -0.16
CA PRO D 49 14.07 2.91 0.80
C PRO D 49 14.01 4.14 1.69
N SER D 50 14.92 5.10 1.51
CA SER D 50 14.95 6.27 2.39
C SER D 50 13.64 7.02 2.35
N LYS D 51 13.01 7.12 1.18
CA LYS D 51 11.79 7.92 1.05
C LYS D 51 10.73 7.49 2.05
N PHE D 52 10.71 6.21 2.42
CA PHE D 52 9.70 5.68 3.33
C PHE D 52 10.25 5.35 4.71
N THR D 53 11.56 5.12 4.83
CA THR D 53 12.15 4.74 6.12
C THR D 53 12.67 5.93 6.91
N GLU D 54 13.12 6.98 6.23
CA GLU D 54 13.69 8.16 6.88
C GLU D 54 13.05 9.42 6.30
N PRO D 55 11.75 9.63 6.52
CA PRO D 55 11.09 10.84 6.02
C PRO D 55 11.24 12.04 6.93
N VAL D 56 12.13 12.00 7.92
CA VAL D 56 12.27 13.11 8.86
C VAL D 56 13.04 14.25 8.20
N LYS D 57 12.94 15.43 8.80
CA LYS D 57 13.65 16.60 8.29
C LYS D 57 15.09 16.60 8.75
N ASP D 58 15.32 16.58 10.06
CA ASP D 58 16.68 16.56 10.60
C ASP D 58 17.22 15.14 10.61
N VAL D 59 18.43 14.97 10.09
CA VAL D 59 19.05 13.65 10.05
C VAL D 59 19.35 13.20 11.48
N MET D 60 19.00 11.96 11.78
CA MET D 60 19.25 11.35 13.07
C MET D 60 20.30 10.26 12.93
N ILE D 61 21.30 10.30 13.79
CA ILE D 61 22.37 9.30 13.80
C ILE D 61 21.92 8.13 14.67
N LYS D 62 22.15 6.90 14.19
CA LYS D 62 21.68 5.69 14.90
C LYS D 62 22.36 5.62 16.26
N SER D 63 23.65 5.89 16.32
CA SER D 63 24.39 5.73 17.57
C SER D 63 23.92 6.70 18.65
N LEU D 64 23.64 7.94 18.30
CA LEU D 64 23.26 8.94 19.29
C LEU D 64 21.80 8.76 19.72
N PRO D 65 21.43 9.30 20.87
CA PRO D 65 20.04 9.17 21.31
C PRO D 65 19.08 9.81 20.31
N ALA D 66 17.90 9.20 20.17
CA ALA D 66 16.91 9.72 19.23
C ALA D 66 16.50 11.14 19.60
N LEU D 67 16.27 11.40 20.89
CA LEU D 67 15.83 12.71 21.36
C LEU D 67 16.82 13.20 22.41
N ASN D 68 17.22 14.46 22.30
CA ASN D 68 18.21 15.03 23.20
C ASN D 68 19.48 14.19 23.20
C1 A1IEI E . -9.56 3.69 -13.35
N1 A1IEI E . -8.79 2.47 -13.63
C2 A1IEI E . -7.37 2.87 -13.60
C3 A1IEI E . -6.50 1.68 -14.01
N2 A1IEI E . -6.81 1.29 -15.38
C4 A1IEI E . -6.03 0.08 -15.67
C5 A1IEI E . -6.10 -0.24 -17.14
C6 A1IEI E . -5.16 0.28 -18.00
C7 A1IEI E . -5.23 0.00 -19.35
C8 A1IEI E . -6.24 -0.83 -19.84
N3 A1IEI E . -6.31 -1.12 -21.20
C9 A1IEI E . -7.37 -1.99 -21.71
C10 A1IEI E . -7.22 -2.15 -23.19
C11 A1IEI E . -6.45 -3.18 -23.71
C12 A1IEI E . -6.32 -3.33 -25.08
C13 A1IEI E . -6.95 -2.44 -25.93
F1 A1IEI E . -6.81 -2.59 -27.27
C14 A1IEI E . -7.71 -1.40 -25.42
C15 A1IEI E . -7.86 -1.26 -24.05
C16 A1IEI E . -7.18 -1.35 -18.96
C17 A1IEI E . -7.10 -1.06 -17.61
C18 A1IEI E . -8.22 0.90 -15.41
C19 A1IEI E . -9.09 2.09 -15.01
H2 A1IEI E . -10.63 3.45 -13.36
H1 A1IEI E . -9.36 4.45 -14.12
H3 A1IEI E . -9.29 4.08 -12.37
H4 A1IEI E . -7.21 3.70 -14.30
H5 A1IEI E . -7.10 3.20 -12.59
H6 A1IEI E . -5.44 1.96 -13.93
H7 A1IEI E . -6.70 0.85 -13.35
H8 A1IEI E . -4.99 0.24 -15.39
H9 A1IEI E . -6.43 -0.76 -15.10
H10 A1IEI E . -4.37 0.93 -17.63
H11 A1IEI E . -4.49 0.41 -20.03
H12 A1IEI E . -5.65 -0.76 -21.81
H13 A1IEI E . -7.31 -2.96 -21.23
H14 A1IEI E . -8.34 -1.54 -21.48
H15 A1IEI E . -5.97 -3.87 -23.04
H16 A1IEI E . -5.72 -4.13 -25.48
H17 A1IEI E . -8.20 -0.71 -26.10
H18 A1IEI E . -8.45 -0.46 -23.65
H19 A1IEI E . -7.97 -1.99 -19.33
H20 A1IEI E . -7.83 -1.47 -16.93
H22 A1IEI E . -8.39 0.08 -14.72
H21 A1IEI E . -8.48 0.58 -16.42
H23 A1IEI E . -10.14 1.80 -15.08
H24 A1IEI E . -8.89 2.93 -15.68
C1 MYR F . 22.19 -3.97 -37.21
O1 MYR F . 22.11 -3.36 -36.12
O2 MYR F . 22.86 -3.46 -38.14
C2 MYR F . 21.50 -5.30 -37.39
C3 MYR F . 22.50 -6.35 -37.86
C4 MYR F . 21.95 -7.75 -37.70
C5 MYR F . 21.88 -8.49 -39.04
C6 MYR F . 20.77 -7.94 -39.92
C7 MYR F . 19.55 -8.86 -39.94
C8 MYR F . 18.89 -8.94 -38.57
C9 MYR F . 17.64 -9.81 -38.57
C10 MYR F . 16.50 -9.23 -39.41
C11 MYR F . 16.09 -7.84 -38.94
C12 MYR F . 14.74 -7.44 -39.51
C13 MYR F . 14.32 -6.05 -39.04
C14 MYR F . 12.92 -5.70 -39.52
H21 MYR F . 20.70 -5.20 -38.12
H22 MYR F . 21.05 -5.61 -36.45
H31 MYR F . 23.42 -6.26 -37.28
H32 MYR F . 22.76 -6.17 -38.91
H41 MYR F . 20.95 -7.70 -37.27
H42 MYR F . 22.58 -8.32 -37.02
H51 MYR F . 21.72 -9.55 -38.86
H52 MYR F . 22.83 -8.38 -39.56
H61 MYR F . 21.14 -7.82 -40.95
H62 MYR F . 20.47 -6.95 -39.57
H71 MYR F . 19.86 -9.86 -40.25
H72 MYR F . 18.84 -8.48 -40.67
H81 MYR F . 18.65 -7.94 -38.22
H82 MYR F . 19.60 -9.37 -37.85
H91 MYR F . 17.29 -9.94 -37.55
H92 MYR F . 17.89 -10.79 -38.96
H101 MYR F . 15.63 -9.89 -39.35
H102 MYR F . 16.80 -9.18 -40.46
H111 MYR F . 16.04 -7.83 -37.85
H112 MYR F . 16.84 -7.11 -39.25
H121 MYR F . 14.78 -7.46 -40.60
H122 MYR F . 13.99 -8.17 -39.19
H131 MYR F . 14.35 -6.01 -37.95
H132 MYR F . 15.04 -5.32 -39.42
H141 MYR F . 12.52 -6.54 -40.10
H142 MYR F . 12.28 -5.50 -38.67
H143 MYR F . 12.97 -4.81 -40.16
#